data_7KIQ
#
_entry.id   7KIQ
#
_cell.length_a   70.706
_cell.length_b   84.612
_cell.length_c   97.511
_cell.angle_alpha   90.000
_cell.angle_beta   108.900
_cell.angle_gamma   90.000
#
_symmetry.space_group_name_H-M   'P 1 21 1'
#
loop_
_entity.id
_entity.type
_entity.pdbx_description
1 polymer 'Phosphatidate phosphatase LPIN2'
2 non-polymer 'CALCIUM ION'
3 water water
#
_entity_poly.entity_id   1
_entity_poly.type   'polypeptide(L)'
_entity_poly.pdbx_seq_one_letter_code
;SAMDLPDVTLSLCGGLSENGEISKEKFMEHIITYHEFAENPGLIDNPNLVIRIYNRYYNWALAAPMILSLQVFQKSLPKA
TVESWVKDKMP
;
_entity_poly.pdbx_strand_id   A,B,C,D,E,F,G,H,I,J
#
loop_
_chem_comp.id
_chem_comp.type
_chem_comp.name
_chem_comp.formula
CA non-polymer 'CALCIUM ION' 'Ca 2'
#
# COMPACT_ATOMS: atom_id res chain seq x y z
N ASP A 4 -18.39 -11.21 -22.97
CA ASP A 4 -18.48 -10.61 -21.65
C ASP A 4 -17.53 -11.29 -20.67
N LEU A 5 -16.26 -10.89 -20.71
CA LEU A 5 -15.27 -11.43 -19.80
C LEU A 5 -15.25 -10.62 -18.50
N PRO A 6 -14.82 -11.21 -17.38
CA PRO A 6 -14.95 -10.53 -16.09
C PRO A 6 -14.10 -9.27 -16.02
N ASP A 7 -14.66 -8.25 -15.39
CA ASP A 7 -13.89 -7.04 -15.14
C ASP A 7 -12.79 -7.31 -14.13
N VAL A 8 -11.67 -6.62 -14.30
CA VAL A 8 -10.54 -6.68 -13.38
C VAL A 8 -10.18 -5.25 -13.02
N THR A 9 -10.13 -4.96 -11.72
CA THR A 9 -9.79 -3.64 -11.22
C THR A 9 -8.64 -3.77 -10.24
N LEU A 10 -7.72 -2.82 -10.27
CA LEU A 10 -6.57 -2.78 -9.36
C LEU A 10 -6.75 -1.68 -8.32
N SER A 11 -6.20 -1.91 -7.13
CA SER A 11 -6.24 -0.89 -6.09
C SER A 11 -5.10 -1.12 -5.09
N LEU A 12 -4.47 -0.04 -4.66
CA LEU A 12 -3.46 -0.09 -3.60
C LEU A 12 -4.10 0.03 -2.22
N CYS A 13 -5.30 -0.52 -2.06
CA CYS A 13 -6.03 -0.37 -0.81
C CYS A 13 -5.39 -1.15 0.32
N GLY A 14 -4.66 -2.22 0.02
CA GLY A 14 -4.07 -3.06 1.03
C GLY A 14 -5.15 -3.69 1.91
N GLY A 15 -4.72 -4.07 3.11
CA GLY A 15 -5.66 -4.58 4.09
C GLY A 15 -6.28 -5.91 3.75
N LEU A 16 -5.66 -6.69 2.87
CA LEU A 16 -6.18 -8.01 2.53
C LEU A 16 -6.01 -9.01 3.66
N SER A 17 -5.22 -8.69 4.68
CA SER A 17 -5.01 -9.60 5.81
C SER A 17 -6.07 -9.38 6.89
N ILE A 22 -12.37 -6.04 3.16
CA ILE A 22 -12.06 -4.76 2.52
C ILE A 22 -13.33 -4.01 2.21
N SER A 23 -13.35 -2.72 2.54
CA SER A 23 -14.52 -1.90 2.26
C SER A 23 -14.56 -1.50 0.79
N LYS A 24 -15.76 -1.23 0.30
CA LYS A 24 -15.90 -0.62 -1.02
C LYS A 24 -15.26 0.77 -1.02
N GLU A 25 -15.43 1.52 0.06
CA GLU A 25 -14.88 2.87 0.13
C GLU A 25 -13.36 2.86 0.01
N LYS A 26 -12.69 1.98 0.75
CA LYS A 26 -11.23 1.97 0.71
C LYS A 26 -10.71 1.49 -0.63
N PHE A 27 -11.39 0.52 -1.24
CA PHE A 27 -10.99 0.05 -2.56
C PHE A 27 -11.06 1.16 -3.59
N MET A 28 -12.22 1.82 -3.71
CA MET A 28 -12.37 2.87 -4.72
C MET A 28 -11.37 3.99 -4.52
N GLU A 29 -11.04 4.31 -3.27
CA GLU A 29 -10.18 5.45 -2.96
C GLU A 29 -8.77 5.27 -3.53
N HIS A 30 -8.30 4.04 -3.67
CA HIS A 30 -6.93 3.76 -4.09
C HIS A 30 -6.88 2.96 -5.39
N ILE A 31 -7.86 3.16 -6.26
CA ILE A 31 -7.89 2.48 -7.55
C ILE A 31 -6.77 3.01 -8.44
N ILE A 32 -6.05 2.09 -9.09
CA ILE A 32 -4.89 2.44 -9.90
C ILE A 32 -5.32 2.73 -11.33
N THR A 33 -4.97 3.91 -11.83
CA THR A 33 -5.33 4.28 -13.19
C THR A 33 -4.32 3.68 -14.18
N TYR A 34 -4.60 3.86 -15.47
CA TYR A 34 -3.65 3.41 -16.48
C TYR A 34 -2.35 4.19 -16.41
N HIS A 35 -2.44 5.51 -16.24
CA HIS A 35 -1.24 6.34 -16.21
C HIS A 35 -0.37 6.00 -15.01
N GLU A 36 -1.00 5.72 -13.86
CA GLU A 36 -0.23 5.35 -12.67
C GLU A 36 0.49 4.03 -12.86
N PHE A 37 -0.16 3.06 -13.53
CA PHE A 37 0.49 1.78 -13.79
C PHE A 37 1.55 1.92 -14.87
N ALA A 38 1.28 2.72 -15.90
CA ALA A 38 2.25 2.94 -16.97
C ALA A 38 3.48 3.72 -16.49
N GLU A 39 3.36 4.46 -15.39
CA GLU A 39 4.49 5.18 -14.83
C GLU A 39 5.29 4.34 -13.85
N ASN A 40 4.74 3.22 -13.37
CA ASN A 40 5.43 2.37 -12.41
C ASN A 40 4.88 0.96 -12.48
N PRO A 41 5.30 0.16 -13.46
CA PRO A 41 4.85 -1.25 -13.51
C PRO A 41 5.24 -2.05 -12.29
N GLY A 42 6.19 -1.56 -11.48
CA GLY A 42 6.56 -2.24 -10.25
C GLY A 42 5.44 -2.34 -9.23
N LEU A 43 4.32 -1.62 -9.44
CA LEU A 43 3.15 -1.77 -8.58
C LEU A 43 2.69 -3.21 -8.48
N ILE A 44 3.00 -4.03 -9.50
CA ILE A 44 2.55 -5.43 -9.50
C ILE A 44 3.14 -6.19 -8.32
N ASP A 45 4.30 -5.76 -7.81
CA ASP A 45 4.93 -6.40 -6.66
C ASP A 45 4.65 -5.65 -5.35
N ASN A 46 3.78 -4.64 -5.39
CA ASN A 46 3.46 -3.91 -4.17
C ASN A 46 2.64 -4.81 -3.24
N PRO A 47 2.99 -4.92 -1.96
CA PRO A 47 2.25 -5.82 -1.07
C PRO A 47 0.80 -5.41 -0.85
N ASN A 48 0.46 -4.14 -1.07
CA ASN A 48 -0.90 -3.67 -0.87
C ASN A 48 -1.76 -3.77 -2.13
N LEU A 49 -1.22 -4.25 -3.24
CA LEU A 49 -1.99 -4.35 -4.48
C LEU A 49 -3.12 -5.36 -4.31
N VAL A 50 -4.35 -4.94 -4.56
CA VAL A 50 -5.53 -5.80 -4.46
C VAL A 50 -6.19 -5.88 -5.83
N ILE A 51 -6.55 -7.10 -6.23
CA ILE A 51 -7.18 -7.39 -7.52
C ILE A 51 -8.66 -7.69 -7.27
N ARG A 52 -9.53 -7.02 -8.01
CA ARG A 52 -10.96 -7.27 -7.91
C ARG A 52 -11.41 -8.06 -9.14
N ILE A 53 -11.90 -9.28 -8.92
CA ILE A 53 -12.41 -10.12 -9.99
C ILE A 53 -13.35 -11.15 -9.37
N TYR A 54 -14.45 -11.45 -10.09
CA TYR A 54 -15.48 -12.38 -9.63
C TYR A 54 -16.09 -11.93 -8.31
N ASN A 55 -16.29 -10.62 -8.15
CA ASN A 55 -16.84 -10.03 -6.92
C ASN A 55 -16.05 -10.45 -5.68
N ARG A 56 -14.73 -10.61 -5.84
CA ARG A 56 -13.86 -11.02 -4.74
C ARG A 56 -12.57 -10.21 -4.80
N TYR A 57 -11.77 -10.33 -3.75
CA TYR A 57 -10.51 -9.62 -3.62
C TYR A 57 -9.37 -10.63 -3.53
N TYR A 58 -8.33 -10.41 -4.34
CA TYR A 58 -7.16 -11.28 -4.34
C TYR A 58 -5.90 -10.43 -4.35
N ASN A 59 -4.82 -10.99 -3.83
CA ASN A 59 -3.52 -10.38 -4.05
C ASN A 59 -3.02 -10.76 -5.44
N TRP A 60 -1.83 -10.29 -5.80
CA TRP A 60 -1.33 -10.61 -7.13
C TRP A 60 -1.04 -12.10 -7.29
N ALA A 61 -0.60 -12.76 -6.22
CA ALA A 61 -0.19 -14.15 -6.33
C ALA A 61 -1.37 -15.04 -6.70
N LEU A 62 -2.51 -14.87 -6.05
CA LEU A 62 -3.67 -15.70 -6.37
C LEU A 62 -4.28 -15.31 -7.71
N ALA A 63 -4.32 -14.01 -8.01
CA ALA A 63 -5.01 -13.52 -9.19
C ALA A 63 -4.23 -13.71 -10.49
N ALA A 64 -2.92 -13.96 -10.41
CA ALA A 64 -2.10 -14.00 -11.61
C ALA A 64 -2.55 -15.05 -12.63
N PRO A 65 -2.75 -16.33 -12.26
CA PRO A 65 -3.20 -17.29 -13.29
C PRO A 65 -4.57 -16.99 -13.84
N MET A 66 -5.49 -16.45 -13.04
CA MET A 66 -6.82 -16.15 -13.55
C MET A 66 -6.75 -15.10 -14.65
N ILE A 67 -5.97 -14.05 -14.43
CA ILE A 67 -5.83 -12.99 -15.43
C ILE A 67 -5.06 -13.51 -16.64
N LEU A 68 -4.08 -14.38 -16.43
CA LEU A 68 -3.31 -14.91 -17.55
C LEU A 68 -4.19 -15.77 -18.46
N SER A 69 -5.02 -16.63 -17.89
CA SER A 69 -5.90 -17.46 -18.71
C SER A 69 -6.91 -16.59 -19.46
N LEU A 70 -7.32 -15.46 -18.88
CA LEU A 70 -8.22 -14.56 -19.58
C LEU A 70 -7.51 -13.88 -20.75
N GLN A 71 -6.20 -13.63 -20.62
CA GLN A 71 -5.48 -12.94 -21.68
C GLN A 71 -5.11 -13.88 -22.82
N VAL A 72 -4.66 -15.09 -22.49
CA VAL A 72 -4.20 -16.04 -23.49
C VAL A 72 -5.37 -16.71 -24.18
N PHE A 73 -6.27 -17.32 -23.41
CA PHE A 73 -7.36 -18.12 -23.94
C PHE A 73 -8.69 -17.39 -23.98
N GLN A 74 -8.74 -16.14 -23.51
CA GLN A 74 -9.98 -15.36 -23.46
C GLN A 74 -11.11 -16.16 -22.83
N LYS A 75 -10.77 -16.90 -21.78
CA LYS A 75 -11.71 -17.75 -21.06
C LYS A 75 -11.25 -17.89 -19.62
N SER A 76 -12.20 -17.82 -18.69
CA SER A 76 -11.87 -17.92 -17.27
C SER A 76 -11.40 -19.34 -16.94
N LEU A 77 -10.61 -19.44 -15.87
CA LEU A 77 -10.25 -20.75 -15.36
C LEU A 77 -11.49 -21.44 -14.79
N PRO A 78 -11.51 -22.77 -14.77
CA PRO A 78 -12.65 -23.48 -14.19
C PRO A 78 -12.86 -23.12 -12.73
N LYS A 79 -14.13 -23.10 -12.32
CA LYS A 79 -14.45 -22.76 -10.94
C LYS A 79 -13.77 -23.70 -9.96
N ALA A 80 -13.75 -25.00 -10.28
CA ALA A 80 -13.07 -25.97 -9.42
C ALA A 80 -11.56 -25.71 -9.37
N THR A 81 -10.99 -25.19 -10.46
CA THR A 81 -9.56 -24.90 -10.48
C THR A 81 -9.24 -23.66 -9.66
N VAL A 82 -10.00 -22.58 -9.86
CA VAL A 82 -9.81 -21.38 -9.06
C VAL A 82 -9.98 -21.70 -7.59
N GLU A 83 -10.96 -22.54 -7.24
CA GLU A 83 -11.18 -22.89 -5.85
C GLU A 83 -10.03 -23.71 -5.29
N SER A 84 -9.53 -24.68 -6.07
CA SER A 84 -8.39 -25.47 -5.60
C SER A 84 -7.11 -24.65 -5.62
N TRP A 85 -7.00 -23.69 -6.55
CA TRP A 85 -5.80 -22.85 -6.60
C TRP A 85 -5.77 -21.86 -5.45
N VAL A 86 -6.94 -21.35 -5.05
CA VAL A 86 -7.01 -20.35 -3.99
C VAL A 86 -7.07 -20.98 -2.60
N LYS A 87 -7.14 -22.31 -2.49
CA LYS A 87 -7.23 -23.00 -1.21
C LYS A 87 -6.02 -22.72 -0.33
N ASP B 4 -6.92 -3.88 -32.61
CA ASP B 4 -7.23 -4.96 -31.69
C ASP B 4 -6.00 -5.28 -30.82
N LEU B 5 -6.26 -5.86 -29.65
CA LEU B 5 -5.21 -6.10 -28.67
C LEU B 5 -4.28 -7.22 -29.11
N PRO B 6 -3.04 -7.22 -28.63
CA PRO B 6 -2.06 -8.22 -29.08
C PRO B 6 -2.39 -9.62 -28.59
N ASP B 7 -1.92 -10.61 -29.35
CA ASP B 7 -2.08 -12.00 -28.97
C ASP B 7 -1.03 -12.37 -27.94
N VAL B 8 -1.40 -13.26 -27.02
CA VAL B 8 -0.47 -13.80 -26.04
C VAL B 8 -0.48 -15.30 -26.17
N THR B 9 0.70 -15.91 -26.20
CA THR B 9 0.85 -17.35 -26.34
C THR B 9 1.83 -17.83 -25.28
N LEU B 10 1.53 -18.99 -24.71
CA LEU B 10 2.36 -19.57 -23.66
C LEU B 10 2.99 -20.86 -24.18
N SER B 11 4.26 -21.05 -23.84
CA SER B 11 4.97 -22.27 -24.21
C SER B 11 6.01 -22.58 -23.15
N LEU B 12 6.20 -23.87 -22.90
CA LEU B 12 7.20 -24.33 -21.93
C LEU B 12 8.50 -24.70 -22.62
N CYS B 13 8.96 -23.80 -23.48
CA CYS B 13 10.13 -24.04 -24.31
C CYS B 13 11.44 -23.59 -23.66
N GLY B 14 11.41 -22.74 -22.65
CA GLY B 14 12.69 -22.33 -22.10
C GLY B 14 13.58 -21.62 -23.12
N GLY B 15 14.87 -21.57 -22.80
CA GLY B 15 15.86 -21.03 -23.69
C GLY B 15 16.18 -19.56 -23.50
N LEU B 16 15.37 -18.83 -22.73
CA LEU B 16 15.72 -17.45 -22.42
C LEU B 16 17.00 -17.38 -21.59
N SER B 17 17.19 -18.31 -20.67
CA SER B 17 18.40 -18.41 -19.89
C SER B 17 19.57 -18.94 -20.72
N ILE B 22 15.72 -18.29 -28.90
CA ILE B 22 14.54 -19.14 -29.01
C ILE B 22 14.03 -19.21 -30.45
N SER B 23 14.00 -20.41 -31.02
CA SER B 23 13.46 -20.57 -32.36
C SER B 23 11.95 -20.78 -32.30
N LYS B 24 11.30 -20.56 -33.45
CA LYS B 24 9.84 -20.69 -33.47
C LYS B 24 9.39 -22.14 -33.50
N GLU B 25 10.17 -23.03 -34.12
CA GLU B 25 9.89 -24.45 -33.99
C GLU B 25 9.94 -24.87 -32.54
N LYS B 26 10.94 -24.40 -31.77
CA LYS B 26 11.00 -24.67 -30.32
C LYS B 26 9.75 -24.19 -29.59
N PHE B 27 9.24 -23.02 -29.95
CA PHE B 27 8.11 -22.45 -29.21
C PHE B 27 6.82 -23.23 -29.43
N MET B 28 6.49 -23.52 -30.69
CA MET B 28 5.21 -24.16 -31.01
C MET B 28 5.16 -25.63 -30.62
N GLU B 29 6.33 -26.25 -30.47
CA GLU B 29 6.37 -27.64 -30.05
C GLU B 29 5.91 -27.83 -28.59
N HIS B 30 5.94 -26.77 -27.77
CA HIS B 30 5.61 -26.89 -26.35
C HIS B 30 4.54 -25.88 -25.93
N ILE B 31 3.62 -25.54 -26.85
CA ILE B 31 2.58 -24.57 -26.55
C ILE B 31 1.59 -25.14 -25.54
N ILE B 32 1.20 -24.30 -24.58
CA ILE B 32 0.30 -24.69 -23.48
C ILE B 32 -1.15 -24.48 -23.90
N THR B 33 -1.96 -25.54 -23.81
CA THR B 33 -3.38 -25.41 -24.10
C THR B 33 -4.14 -24.92 -22.87
N TYR B 34 -5.38 -24.50 -23.11
CA TYR B 34 -6.26 -24.13 -21.99
C TYR B 34 -6.39 -25.27 -21.01
N HIS B 35 -6.66 -26.48 -21.52
CA HIS B 35 -6.85 -27.64 -20.64
C HIS B 35 -5.59 -27.92 -19.81
N GLU B 36 -4.41 -27.73 -20.40
CA GLU B 36 -3.18 -27.95 -19.64
C GLU B 36 -3.01 -26.93 -18.54
N PHE B 37 -3.31 -25.66 -18.84
CA PHE B 37 -3.22 -24.61 -17.82
C PHE B 37 -4.30 -24.77 -16.76
N ALA B 38 -5.52 -25.14 -17.19
CA ALA B 38 -6.62 -25.33 -16.25
C ALA B 38 -6.37 -26.51 -15.31
N GLU B 39 -5.57 -27.49 -15.73
CA GLU B 39 -5.25 -28.61 -14.87
C GLU B 39 -4.02 -28.36 -14.00
N ASN B 40 -3.21 -27.35 -14.33
CA ASN B 40 -2.00 -27.05 -13.57
C ASN B 40 -1.65 -25.58 -13.71
N PRO B 41 -2.35 -24.70 -12.97
CA PRO B 41 -1.99 -23.27 -12.99
C PRO B 41 -0.61 -23.00 -12.42
N GLY B 42 -0.06 -23.89 -11.59
CA GLY B 42 1.28 -23.73 -11.07
C GLY B 42 2.36 -23.58 -12.12
N LEU B 43 2.04 -23.86 -13.39
CA LEU B 43 2.96 -23.61 -14.50
C LEU B 43 3.37 -22.15 -14.59
N ILE B 44 2.58 -21.24 -14.00
CA ILE B 44 2.91 -19.83 -14.06
C ILE B 44 4.24 -19.54 -13.39
N ASP B 45 4.68 -20.40 -12.48
CA ASP B 45 5.97 -20.23 -11.81
C ASP B 45 7.07 -21.07 -12.44
N ASN B 46 6.77 -21.78 -13.50
CA ASN B 46 7.77 -22.59 -14.19
C ASN B 46 8.77 -21.69 -14.90
N PRO B 47 10.06 -21.77 -14.60
CA PRO B 47 11.03 -20.90 -15.28
C PRO B 47 11.12 -21.12 -16.77
N ASN B 48 10.69 -22.28 -17.26
CA ASN B 48 10.69 -22.58 -18.69
C ASN B 48 9.51 -21.96 -19.42
N LEU B 49 8.57 -21.33 -18.70
CA LEU B 49 7.42 -20.71 -19.34
C LEU B 49 7.86 -19.47 -20.12
N VAL B 50 7.45 -19.41 -21.37
CA VAL B 50 7.81 -18.31 -22.26
C VAL B 50 6.53 -17.68 -22.80
N ILE B 51 6.49 -16.35 -22.82
CA ILE B 51 5.32 -15.61 -23.26
C ILE B 51 5.67 -14.92 -24.58
N ARG B 52 4.86 -15.19 -25.61
CA ARG B 52 4.99 -14.54 -26.90
C ARG B 52 4.02 -13.37 -26.96
N ILE B 53 4.56 -12.16 -27.03
CA ILE B 53 3.77 -10.94 -27.15
C ILE B 53 4.65 -9.88 -27.78
N TYR B 54 4.04 -9.04 -28.62
CA TYR B 54 4.75 -7.96 -29.32
C TYR B 54 5.89 -8.50 -30.19
N ASN B 55 5.72 -9.71 -30.73
CA ASN B 55 6.72 -10.37 -31.56
C ASN B 55 8.03 -10.58 -30.82
N ARG B 56 7.97 -10.75 -29.49
CA ARG B 56 9.14 -11.04 -28.68
C ARG B 56 8.82 -12.17 -27.72
N TYR B 57 9.88 -12.71 -27.10
CA TYR B 57 9.76 -13.77 -26.10
C TYR B 57 10.13 -13.21 -24.73
N TYR B 58 9.23 -13.39 -23.77
CA TYR B 58 9.45 -12.93 -22.40
C TYR B 58 9.21 -14.06 -21.42
N ASN B 59 9.87 -13.98 -20.26
CA ASN B 59 9.49 -14.82 -19.14
C ASN B 59 8.32 -14.16 -18.41
N TRP B 60 7.77 -14.85 -17.41
CA TRP B 60 6.60 -14.32 -16.71
C TRP B 60 6.93 -13.04 -15.95
N ALA B 61 8.12 -12.95 -15.36
CA ALA B 61 8.46 -11.77 -14.56
C ALA B 61 8.57 -10.51 -15.40
N LEU B 62 8.78 -10.63 -16.71
CA LEU B 62 8.83 -9.48 -17.60
C LEU B 62 7.51 -9.23 -18.32
N ALA B 63 6.71 -10.27 -18.55
CA ALA B 63 5.46 -10.11 -19.28
C ALA B 63 4.26 -9.83 -18.39
N ALA B 64 4.36 -10.12 -17.10
CA ALA B 64 3.21 -9.98 -16.21
C ALA B 64 2.62 -8.57 -16.22
N PRO B 65 3.40 -7.49 -16.10
CA PRO B 65 2.79 -6.15 -16.19
C PRO B 65 2.07 -5.91 -17.50
N MET B 66 2.64 -6.39 -18.61
CA MET B 66 2.01 -6.20 -19.91
C MET B 66 0.71 -7.00 -20.02
N ILE B 67 0.70 -8.22 -19.49
CA ILE B 67 -0.53 -9.00 -19.43
C ILE B 67 -1.57 -8.31 -18.55
N LEU B 68 -1.14 -7.86 -17.37
CA LEU B 68 -2.07 -7.22 -16.44
C LEU B 68 -2.62 -5.92 -17.01
N SER B 69 -1.78 -5.12 -17.66
CA SER B 69 -2.26 -3.87 -18.23
C SER B 69 -3.30 -4.10 -19.31
N LEU B 70 -3.17 -5.20 -20.07
CA LEU B 70 -4.13 -5.50 -21.14
C LEU B 70 -5.47 -5.97 -20.57
N GLN B 71 -5.43 -6.73 -19.48
CA GLN B 71 -6.67 -7.22 -18.89
C GLN B 71 -7.41 -6.13 -18.13
N VAL B 72 -6.71 -5.20 -17.50
CA VAL B 72 -7.34 -4.19 -16.64
C VAL B 72 -7.78 -2.97 -17.45
N PHE B 73 -6.90 -2.41 -18.27
CA PHE B 73 -7.20 -1.19 -19.01
C PHE B 73 -7.45 -1.44 -20.51
N GLN B 74 -7.32 -2.68 -20.97
CA GLN B 74 -7.47 -3.01 -22.39
C GLN B 74 -6.63 -2.07 -23.24
N LYS B 75 -5.40 -1.84 -22.81
CA LYS B 75 -4.47 -0.94 -23.47
C LYS B 75 -3.05 -1.40 -23.15
N SER B 76 -2.20 -1.44 -24.17
CA SER B 76 -0.82 -1.84 -23.96
C SER B 76 -0.09 -0.82 -23.08
N LEU B 77 0.90 -1.31 -22.34
CA LEU B 77 1.84 -0.41 -21.70
C LEU B 77 2.57 0.39 -22.78
N PRO B 78 2.90 1.66 -22.52
CA PRO B 78 3.61 2.44 -23.54
C PRO B 78 4.93 1.81 -23.90
N LYS B 79 5.38 2.06 -25.13
CA LYS B 79 6.63 1.45 -25.60
C LYS B 79 7.82 1.90 -24.77
N ALA B 80 7.85 3.19 -24.41
CA ALA B 80 8.90 3.66 -23.51
C ALA B 80 8.83 2.98 -22.15
N THR B 81 7.63 2.67 -21.69
CA THR B 81 7.48 1.97 -20.41
C THR B 81 8.04 0.55 -20.50
N VAL B 82 7.73 -0.16 -21.58
CA VAL B 82 8.19 -1.54 -21.73
C VAL B 82 9.72 -1.58 -21.81
N GLU B 83 10.33 -0.60 -22.46
CA GLU B 83 11.78 -0.57 -22.60
C GLU B 83 12.47 -0.42 -21.24
N SER B 84 11.97 0.50 -20.41
CA SER B 84 12.57 0.71 -19.09
C SER B 84 12.29 -0.45 -18.15
N TRP B 85 11.12 -1.09 -18.28
CA TRP B 85 10.83 -2.26 -17.47
C TRP B 85 11.75 -3.42 -17.82
N VAL B 86 12.23 -3.49 -19.05
CA VAL B 86 13.06 -4.58 -19.52
C VAL B 86 14.55 -4.28 -19.38
N LYS B 87 14.98 -3.06 -19.69
CA LYS B 87 16.38 -2.71 -19.51
C LYS B 87 16.76 -2.65 -18.03
N ASP B 88 15.79 -2.38 -17.15
CA ASP B 88 16.02 -2.57 -15.73
C ASP B 88 16.40 -4.03 -15.45
N LYS B 89 15.61 -4.96 -15.94
CA LYS B 89 15.84 -6.38 -15.68
C LYS B 89 16.33 -7.10 -16.92
N ASP C 4 17.57 6.77 24.17
CA ASP C 4 18.28 5.52 23.91
C ASP C 4 17.35 4.46 23.30
N LEU C 5 16.21 4.90 22.79
CA LEU C 5 15.22 4.03 22.19
C LEU C 5 15.16 4.23 20.67
N PRO C 6 14.67 3.24 19.93
CA PRO C 6 14.75 3.30 18.46
C PRO C 6 14.02 4.52 17.90
N ASP C 7 14.57 5.04 16.81
CA ASP C 7 13.95 6.14 16.10
C ASP C 7 12.79 5.62 15.26
N VAL C 8 11.72 6.41 15.19
CA VAL C 8 10.56 6.10 14.38
C VAL C 8 10.36 7.25 13.41
N THR C 9 10.18 6.92 12.12
CA THR C 9 9.97 7.91 11.08
C THR C 9 8.80 7.48 10.21
N LEU C 10 8.03 8.47 9.73
CA LEU C 10 6.88 8.23 8.88
C LEU C 10 7.10 8.84 7.51
N SER C 11 6.65 8.14 6.47
CA SER C 11 6.77 8.62 5.10
C SER C 11 5.71 7.94 4.24
N LEU C 12 5.07 8.73 3.37
CA LEU C 12 4.06 8.23 2.44
C LEU C 12 4.74 7.66 1.19
N CYS C 13 5.48 6.57 1.38
CA CYS C 13 6.24 5.95 0.30
C CYS C 13 5.77 4.55 -0.02
N GLY C 14 4.63 4.12 0.53
CA GLY C 14 4.18 2.76 0.33
C GLY C 14 3.68 2.49 -1.08
N GLY C 15 3.02 3.47 -1.69
CA GLY C 15 2.56 3.31 -3.07
C GLY C 15 3.64 3.42 -4.13
N LEU C 16 4.82 3.91 -3.75
CA LEU C 16 5.93 4.10 -4.67
C LEU C 16 6.92 2.95 -4.64
N SER C 17 6.52 1.81 -4.06
CA SER C 17 7.40 0.64 -4.01
C SER C 17 7.72 0.14 -5.42
N GLU C 18 8.94 -0.34 -5.59
CA GLU C 18 9.44 -0.84 -6.87
C GLU C 18 9.99 -2.23 -6.64
N ASN C 19 9.42 -3.22 -7.34
CA ASN C 19 9.84 -4.62 -7.22
C ASN C 19 9.83 -5.08 -5.77
N GLY C 20 8.84 -4.63 -5.01
CA GLY C 20 8.60 -5.09 -3.67
C GLY C 20 9.30 -4.31 -2.57
N GLU C 21 10.37 -3.59 -2.88
CA GLU C 21 11.16 -2.89 -1.87
C GLU C 21 11.21 -1.40 -2.16
N ILE C 22 11.48 -0.63 -1.10
CA ILE C 22 11.37 0.82 -1.11
C ILE C 22 12.77 1.44 -1.14
N SER C 23 12.98 2.37 -2.07
CA SER C 23 14.27 3.05 -2.16
C SER C 23 14.44 4.02 -1.01
N LYS C 24 15.70 4.30 -0.66
CA LYS C 24 15.97 5.33 0.33
C LYS C 24 15.71 6.73 -0.21
N GLU C 25 15.78 6.92 -1.53
CA GLU C 25 15.48 8.22 -2.11
C GLU C 25 14.01 8.57 -1.94
N LYS C 26 13.11 7.63 -2.26
CA LYS C 26 11.69 7.91 -2.21
C LYS C 26 11.13 7.87 -0.79
N PHE C 27 11.86 7.28 0.16
CA PHE C 27 11.48 7.39 1.56
C PHE C 27 11.70 8.80 2.08
N MET C 28 12.91 9.34 1.88
CA MET C 28 13.21 10.71 2.28
C MET C 28 12.32 11.72 1.57
N GLU C 29 11.79 11.38 0.40
CA GLU C 29 11.01 12.33 -0.37
C GLU C 29 9.65 12.60 0.25
N HIS C 30 9.04 11.59 0.89
CA HIS C 30 7.65 11.69 1.35
C HIS C 30 7.54 11.61 2.86
N ILE C 31 8.59 12.05 3.57
CA ILE C 31 8.60 11.98 5.02
C ILE C 31 7.52 12.90 5.59
N ILE C 32 6.79 12.41 6.58
CA ILE C 32 5.64 13.12 7.15
C ILE C 32 6.11 13.92 8.35
N THR C 33 5.91 15.24 8.30
CA THR C 33 6.26 16.12 9.40
C THR C 33 5.14 16.16 10.43
N TYR C 34 5.45 16.74 11.59
CA TYR C 34 4.44 16.88 12.63
C TYR C 34 3.25 17.70 12.15
N HIS C 35 3.52 18.80 11.45
CA HIS C 35 2.43 19.65 10.97
C HIS C 35 1.53 18.89 10.02
N GLU C 36 2.11 18.10 9.12
CA GLU C 36 1.30 17.31 8.19
C GLU C 36 0.45 16.28 8.92
N PHE C 37 1.04 15.62 9.92
CA PHE C 37 0.27 14.63 10.68
C PHE C 37 -0.73 15.28 11.62
N ALA C 38 -0.46 16.51 12.07
CA ALA C 38 -1.42 17.19 12.92
C ALA C 38 -2.59 17.73 12.09
N GLU C 39 -2.36 18.01 10.81
CA GLU C 39 -3.43 18.49 9.94
C GLU C 39 -4.21 17.37 9.29
N ASN C 40 -3.76 16.12 9.42
CA ASN C 40 -4.41 14.98 8.76
C ASN C 40 -4.04 13.70 9.50
N PRO C 41 -4.64 13.49 10.68
CA PRO C 41 -4.37 12.24 11.41
C PRO C 41 -4.83 11.00 10.66
N GLY C 42 -5.72 11.15 9.68
CA GLY C 42 -6.14 10.05 8.84
C GLY C 42 -5.02 9.38 8.09
N LEU C 43 -3.85 10.02 7.99
CA LEU C 43 -2.65 9.35 7.49
C LEU C 43 -2.37 8.05 8.23
N ILE C 44 -2.84 7.91 9.47
CA ILE C 44 -2.71 6.65 10.17
C ILE C 44 -3.40 5.53 9.40
N ASP C 45 -4.44 5.85 8.63
CA ASP C 45 -5.19 4.85 7.88
C ASP C 45 -4.80 4.80 6.40
N ASN C 46 -3.92 5.68 5.95
CA ASN C 46 -3.47 5.65 4.57
C ASN C 46 -2.63 4.39 4.35
N PRO C 47 -2.99 3.53 3.39
CA PRO C 47 -2.23 2.28 3.20
C PRO C 47 -0.82 2.50 2.70
N ASN C 48 -0.50 3.67 2.15
CA ASN C 48 0.84 3.97 1.69
C ASN C 48 1.74 4.48 2.81
N LEU C 49 1.20 4.65 4.03
CA LEU C 49 2.01 5.08 5.15
C LEU C 49 3.01 3.98 5.52
N VAL C 50 4.27 4.36 5.63
CA VAL C 50 5.36 3.44 5.93
C VAL C 50 6.05 3.92 7.19
N ILE C 51 6.33 2.98 8.10
CA ILE C 51 7.02 3.28 9.36
C ILE C 51 8.41 2.68 9.28
N ARG C 52 9.43 3.52 9.55
CA ARG C 52 10.82 3.09 9.58
C ARG C 52 11.23 2.86 11.03
N ILE C 53 11.53 1.61 11.36
CA ILE C 53 11.92 1.21 12.71
C ILE C 53 12.78 -0.05 12.60
N TYR C 54 13.82 -0.12 13.43
CA TYR C 54 14.75 -1.26 13.43
C TYR C 54 15.34 -1.50 12.04
N ASN C 55 15.59 -0.41 11.30
CA ASN C 55 16.15 -0.47 9.95
C ASN C 55 15.26 -1.24 8.98
N ARG C 56 13.95 -1.30 9.25
CA ARG C 56 13.03 -1.97 8.36
C ARG C 56 11.79 -1.10 8.14
N TYR C 57 11.21 -1.23 6.95
CA TYR C 57 9.95 -0.57 6.63
C TYR C 57 8.79 -1.49 6.97
N TYR C 58 7.78 -0.94 7.64
CA TYR C 58 6.57 -1.67 7.98
C TYR C 58 5.34 -0.84 7.60
N ASN C 59 4.22 -1.52 7.43
CA ASN C 59 2.95 -0.82 7.40
C ASN C 59 2.45 -0.63 8.82
N TRP C 60 1.37 0.14 8.97
CA TRP C 60 0.89 0.46 10.31
C TRP C 60 0.45 -0.78 11.07
N ALA C 61 -0.13 -1.77 10.38
CA ALA C 61 -0.58 -2.97 11.08
C ALA C 61 0.59 -3.69 11.75
N LEU C 62 1.74 -3.74 11.08
CA LEU C 62 2.89 -4.42 11.66
C LEU C 62 3.55 -3.58 12.76
N ALA C 63 3.64 -2.26 12.56
CA ALA C 63 4.40 -1.41 13.47
C ALA C 63 3.63 -0.99 14.71
N ALA C 64 2.29 -1.07 14.68
CA ALA C 64 1.51 -0.53 15.79
C ALA C 64 1.89 -1.13 17.14
N PRO C 65 1.97 -2.45 17.32
CA PRO C 65 2.39 -2.98 18.63
C PRO C 65 3.78 -2.54 19.02
N MET C 66 4.69 -2.36 18.06
CA MET C 66 6.03 -1.90 18.40
C MET C 66 6.01 -0.47 18.90
N ILE C 67 5.29 0.41 18.21
CA ILE C 67 5.22 1.80 18.64
C ILE C 67 4.48 1.90 19.98
N LEU C 68 3.39 1.14 20.12
CA LEU C 68 2.60 1.18 21.35
C LEU C 68 3.44 0.75 22.55
N SER C 69 4.27 -0.30 22.39
CA SER C 69 5.04 -0.77 23.52
C SER C 69 6.16 0.20 23.88
N LEU C 70 6.70 0.91 22.88
CA LEU C 70 7.71 1.93 23.17
C LEU C 70 7.11 3.07 23.98
N GLN C 71 5.93 3.55 23.58
CA GLN C 71 5.34 4.72 24.22
C GLN C 71 4.81 4.39 25.61
N VAL C 72 4.40 3.15 25.84
CA VAL C 72 3.79 2.76 27.10
C VAL C 72 4.82 2.25 28.10
N PHE C 73 5.68 1.32 27.68
CA PHE C 73 6.63 0.67 28.58
C PHE C 73 8.06 1.18 28.42
N GLN C 74 8.29 2.12 27.50
CA GLN C 74 9.63 2.67 27.26
C GLN C 74 10.65 1.56 26.98
N LYS C 75 10.18 0.43 26.45
CA LYS C 75 11.05 -0.68 26.11
C LYS C 75 10.51 -1.35 24.86
N SER C 76 11.41 -1.70 23.94
CA SER C 76 10.99 -2.35 22.71
C SER C 76 10.44 -3.74 22.98
N LEU C 77 9.55 -4.19 22.10
CA LEU C 77 9.14 -5.59 22.13
C LEU C 77 10.36 -6.48 21.93
N PRO C 78 10.37 -7.68 22.52
CA PRO C 78 11.49 -8.60 22.30
C PRO C 78 11.64 -8.94 20.83
N LYS C 79 12.87 -9.26 20.43
CA LYS C 79 13.13 -9.61 19.04
C LYS C 79 12.27 -10.81 18.62
N ALA C 80 12.30 -11.89 19.41
CA ALA C 80 11.48 -13.05 19.10
C ALA C 80 10.00 -12.69 19.06
N THR C 81 9.60 -11.65 19.78
CA THR C 81 8.21 -11.19 19.76
C THR C 81 7.90 -10.42 18.49
N VAL C 82 8.84 -9.61 18.01
CA VAL C 82 8.63 -8.92 16.74
C VAL C 82 8.69 -9.91 15.59
N GLU C 83 9.69 -10.81 15.61
CA GLU C 83 9.72 -11.91 14.65
C GLU C 83 8.43 -12.72 14.70
N SER C 84 7.99 -13.06 15.91
CA SER C 84 6.67 -13.68 16.10
C SER C 84 5.60 -12.91 15.35
N TRP C 85 5.57 -11.59 15.55
CA TRP C 85 4.45 -10.78 15.09
C TRP C 85 4.50 -10.57 13.58
N VAL C 86 5.70 -10.35 13.03
CA VAL C 86 5.83 -10.13 11.58
C VAL C 86 5.54 -11.42 10.82
N LYS C 87 6.13 -12.54 11.26
CA LYS C 87 5.88 -13.82 10.63
C LYS C 87 4.40 -14.17 10.63
N ASP C 88 3.68 -13.79 11.68
CA ASP C 88 2.29 -14.21 11.84
C ASP C 88 1.37 -13.49 10.85
N LYS C 89 1.59 -12.19 10.64
CA LYS C 89 0.62 -11.39 9.89
C LYS C 89 0.61 -11.73 8.41
N MET C 90 1.76 -12.11 7.86
CA MET C 90 1.87 -12.40 6.43
C MET C 90 1.31 -13.79 6.11
N ASP D 4 7.25 17.08 30.55
CA ASP D 4 7.40 15.75 29.98
C ASP D 4 6.19 15.39 29.12
N LEU D 5 6.32 14.35 28.31
CA LEU D 5 5.22 13.90 27.47
C LEU D 5 4.18 13.16 28.31
N PRO D 6 2.92 13.13 27.85
CA PRO D 6 1.87 12.49 28.64
C PRO D 6 2.11 11.01 28.84
N ASP D 7 1.67 10.49 29.98
CA ASP D 7 1.75 9.07 30.27
C ASP D 7 0.67 8.31 29.51
N VAL D 8 1.02 7.14 29.00
CA VAL D 8 0.08 6.24 28.35
C VAL D 8 0.03 4.95 29.14
N THR D 9 -1.17 4.46 29.40
CA THR D 9 -1.37 3.28 30.25
C THR D 9 -2.41 2.38 29.63
N LEU D 10 -2.10 1.09 29.51
CA LEU D 10 -2.98 0.13 28.88
C LEU D 10 -3.70 -0.70 29.93
N SER D 11 -4.98 -0.97 29.69
CA SER D 11 -5.78 -1.80 30.59
C SER D 11 -6.80 -2.58 29.78
N LEU D 12 -7.06 -3.81 30.22
CA LEU D 12 -8.14 -4.64 29.68
C LEU D 12 -9.46 -4.43 30.42
N CYS D 13 -9.71 -3.21 30.89
CA CYS D 13 -10.93 -2.96 31.66
C CYS D 13 -12.17 -3.03 30.78
N GLY D 14 -12.04 -2.74 29.48
CA GLY D 14 -13.09 -2.98 28.51
C GLY D 14 -14.46 -2.42 28.82
N GLY D 15 -14.51 -1.27 29.50
CA GLY D 15 -15.78 -0.65 29.83
C GLY D 15 -16.46 -0.03 28.62
N ILE D 22 -16.08 4.48 32.93
CA ILE D 22 -15.17 3.45 33.40
C ILE D 22 -14.61 3.80 34.77
N SER D 23 -14.67 2.85 35.69
CA SER D 23 -14.20 3.10 37.05
C SER D 23 -12.68 3.13 37.10
N LYS D 24 -12.15 4.02 37.95
CA LYS D 24 -10.72 4.00 38.23
C LYS D 24 -10.30 2.71 38.93
N GLU D 25 -11.22 2.05 39.63
CA GLU D 25 -10.89 0.79 40.28
C GLU D 25 -10.70 -0.33 39.26
N LYS D 26 -11.60 -0.42 38.28
CA LYS D 26 -11.50 -1.49 37.30
C LYS D 26 -10.31 -1.29 36.37
N PHE D 27 -9.96 -0.04 36.06
CA PHE D 27 -8.82 0.22 35.20
C PHE D 27 -7.53 -0.34 35.81
N MET D 28 -7.24 0.02 37.07
CA MET D 28 -6.06 -0.52 37.73
C MET D 28 -6.11 -2.03 37.85
N GLU D 29 -7.30 -2.62 37.82
CA GLU D 29 -7.42 -4.06 38.03
C GLU D 29 -6.88 -4.85 36.86
N HIS D 30 -6.99 -4.33 35.64
CA HIS D 30 -6.65 -5.06 34.43
C HIS D 30 -5.57 -4.35 33.61
N ILE D 31 -4.68 -3.62 34.28
CA ILE D 31 -3.62 -2.92 33.58
C ILE D 31 -2.64 -3.93 32.98
N ILE D 32 -2.29 -3.74 31.71
CA ILE D 32 -1.42 -4.67 31.01
C ILE D 32 0.03 -4.31 31.31
N THR D 33 0.81 -5.29 31.77
CA THR D 33 2.23 -5.05 31.98
C THR D 33 3.00 -5.22 30.68
N TYR D 34 4.28 -4.82 30.70
CA TYR D 34 5.11 -5.04 29.53
C TYR D 34 5.21 -6.52 29.21
N HIS D 35 5.28 -7.36 30.24
CA HIS D 35 5.43 -8.79 30.01
C HIS D 35 4.18 -9.38 29.34
N GLU D 36 2.99 -8.99 29.79
CA GLU D 36 1.76 -9.50 29.17
C GLU D 36 1.68 -9.10 27.71
N PHE D 37 2.04 -7.85 27.39
CA PHE D 37 1.94 -7.34 26.03
C PHE D 37 3.05 -7.91 25.14
N ALA D 38 4.24 -8.10 25.71
CA ALA D 38 5.32 -8.73 24.94
C ALA D 38 5.02 -10.21 24.69
N GLU D 39 4.24 -10.84 25.56
CA GLU D 39 3.84 -12.22 25.31
C GLU D 39 2.77 -12.30 24.23
N ASN D 40 1.85 -11.33 24.22
CA ASN D 40 0.70 -11.35 23.32
C ASN D 40 0.47 -9.97 22.73
N PRO D 41 1.23 -9.59 21.69
CA PRO D 41 1.01 -8.29 21.05
C PRO D 41 -0.38 -8.15 20.46
N GLY D 42 -1.07 -9.26 20.19
CA GLY D 42 -2.42 -9.20 19.66
C GLY D 42 -3.42 -8.51 20.57
N LEU D 43 -3.05 -8.26 21.83
CA LEU D 43 -3.93 -7.50 22.72
C LEU D 43 -4.28 -6.15 22.13
N ILE D 44 -3.44 -5.64 21.22
CA ILE D 44 -3.75 -4.37 20.55
C ILE D 44 -5.03 -4.48 19.74
N ASP D 45 -5.41 -5.69 19.34
CA ASP D 45 -6.66 -5.93 18.62
C ASP D 45 -7.78 -6.39 19.54
N ASN D 46 -7.51 -6.56 20.82
CA ASN D 46 -8.55 -6.93 21.76
C ASN D 46 -9.52 -5.76 21.93
N PRO D 47 -10.83 -5.96 21.75
CA PRO D 47 -11.77 -4.84 21.89
C PRO D 47 -11.85 -4.30 23.30
N ASN D 48 -11.45 -5.07 24.31
CA ASN D 48 -11.49 -4.61 25.70
C ASN D 48 -10.25 -3.83 26.10
N LEU D 49 -9.31 -3.63 25.20
CA LEU D 49 -8.12 -2.83 25.51
C LEU D 49 -8.51 -1.36 25.58
N VAL D 50 -8.17 -0.72 26.70
CA VAL D 50 -8.50 0.69 26.94
C VAL D 50 -7.22 1.43 27.24
N ILE D 51 -7.07 2.61 26.63
CA ILE D 51 -5.84 3.38 26.69
C ILE D 51 -6.09 4.65 27.49
N ARG D 52 -5.30 4.83 28.55
CA ARG D 52 -5.38 6.03 29.38
C ARG D 52 -4.38 7.06 28.88
N ILE D 53 -4.89 8.23 28.50
CA ILE D 53 -4.05 9.34 28.07
C ILE D 53 -4.89 10.60 28.13
N TYR D 54 -4.25 11.72 28.50
CA TYR D 54 -4.92 13.03 28.62
C TYR D 54 -6.05 12.99 29.64
N ASN D 55 -5.94 12.13 30.65
CA ASN D 55 -6.97 11.96 31.68
C ASN D 55 -8.30 11.51 31.09
N ARG D 56 -8.24 10.77 29.99
CA ARG D 56 -9.42 10.22 29.33
C ARG D 56 -9.19 8.76 29.00
N TYR D 57 -10.27 8.06 28.71
CA TYR D 57 -10.22 6.66 28.31
C TYR D 57 -10.50 6.54 26.82
N TYR D 58 -9.68 5.74 26.13
CA TYR D 58 -9.78 5.61 24.68
C TYR D 58 -9.65 4.14 24.28
N ASN D 59 -10.24 3.81 23.13
CA ASN D 59 -9.95 2.55 22.48
C ASN D 59 -8.71 2.72 21.61
N TRP D 60 -8.30 1.64 20.93
CA TRP D 60 -7.11 1.76 20.09
C TRP D 60 -7.37 2.62 18.86
N ALA D 61 -8.58 2.60 18.31
CA ALA D 61 -8.86 3.37 17.11
C ALA D 61 -8.68 4.87 17.35
N LEU D 62 -9.17 5.36 18.49
CA LEU D 62 -9.08 6.79 18.77
C LEU D 62 -7.67 7.18 19.23
N ALA D 63 -7.04 6.35 20.06
CA ALA D 63 -5.75 6.70 20.64
C ALA D 63 -4.58 6.48 19.68
N ALA D 64 -4.78 5.75 18.59
CA ALA D 64 -3.68 5.42 17.69
C ALA D 64 -2.90 6.63 17.21
N PRO D 65 -3.53 7.66 16.61
CA PRO D 65 -2.72 8.80 16.15
C PRO D 65 -2.05 9.56 17.28
N MET D 66 -2.71 9.69 18.43
CA MET D 66 -2.11 10.37 19.57
C MET D 66 -0.84 9.67 20.03
N ILE D 67 -0.89 8.34 20.14
CA ILE D 67 0.28 7.58 20.59
C ILE D 67 1.38 7.64 19.54
N LEU D 68 1.02 7.59 18.26
CA LEU D 68 2.03 7.62 17.20
C LEU D 68 2.74 8.97 17.15
N SER D 69 1.99 10.06 17.36
CA SER D 69 2.62 11.38 17.32
C SER D 69 3.61 11.55 18.46
N LEU D 70 3.32 10.97 19.62
CA LEU D 70 4.24 11.10 20.76
C LEU D 70 5.54 10.34 20.52
N GLN D 71 5.46 9.23 19.79
CA GLN D 71 6.66 8.42 19.58
C GLN D 71 7.51 8.97 18.45
N VAL D 72 6.90 9.55 17.42
CA VAL D 72 7.63 10.01 16.25
C VAL D 72 8.12 11.43 16.46
N PHE D 73 7.21 12.35 16.77
CA PHE D 73 7.56 13.76 16.90
C PHE D 73 7.76 14.20 18.34
N GLN D 74 7.56 13.30 19.31
CA GLN D 74 7.67 13.62 20.73
C GLN D 74 6.91 14.90 21.06
N LYS D 75 5.70 15.01 20.52
CA LYS D 75 4.85 16.17 20.72
C LYS D 75 3.40 15.74 20.58
N SER D 76 2.53 16.27 21.44
CA SER D 76 1.13 15.92 21.38
C SER D 76 0.48 16.51 20.14
N LEU D 77 -0.50 15.79 19.60
CA LEU D 77 -1.38 16.38 18.61
C LEU D 77 -2.12 17.56 19.24
N PRO D 78 -2.32 18.65 18.50
CA PRO D 78 -3.06 19.79 19.06
C PRO D 78 -4.47 19.38 19.47
N LYS D 79 -4.97 20.01 20.53
CA LYS D 79 -6.28 19.65 21.07
C LYS D 79 -7.36 19.78 20.01
N ALA D 80 -7.28 20.82 19.17
CA ALA D 80 -8.22 20.94 18.06
C ALA D 80 -8.17 19.72 17.15
N THR D 81 -6.97 19.15 16.95
CA THR D 81 -6.84 17.99 16.09
C THR D 81 -7.43 16.74 16.76
N VAL D 82 -7.10 16.54 18.03
CA VAL D 82 -7.72 15.45 18.79
C VAL D 82 -9.23 15.65 18.87
N GLU D 83 -9.68 16.91 18.90
CA GLU D 83 -11.11 17.19 18.92
C GLU D 83 -11.79 16.67 17.65
N SER D 84 -11.27 17.02 16.49
CA SER D 84 -11.89 16.62 15.24
C SER D 84 -11.74 15.12 14.98
N TRP D 85 -10.60 14.55 15.39
CA TRP D 85 -10.43 13.11 15.27
C TRP D 85 -11.44 12.36 16.13
N VAL D 86 -11.86 12.96 17.24
CA VAL D 86 -12.82 12.31 18.13
C VAL D 86 -14.21 12.28 17.49
N LYS D 87 -14.65 13.41 16.92
CA LYS D 87 -15.98 13.47 16.33
C LYS D 87 -16.05 12.72 15.02
N ASP D 88 -15.01 12.83 14.17
CA ASP D 88 -15.06 12.24 12.84
C ASP D 88 -15.15 10.72 12.89
N LYS D 89 -14.51 10.08 13.86
CA LYS D 89 -14.47 8.62 13.91
C LYS D 89 -15.29 8.06 15.06
N ASP E 4 -23.32 -13.55 -5.57
CA ASP E 4 -23.17 -12.15 -5.19
C ASP E 4 -23.74 -11.24 -6.28
N LEU E 5 -24.07 -10.00 -5.89
CA LEU E 5 -24.69 -9.05 -6.79
C LEU E 5 -23.65 -8.20 -7.51
N PRO E 6 -23.97 -7.67 -8.69
CA PRO E 6 -22.93 -7.06 -9.53
C PRO E 6 -22.31 -5.83 -8.90
N ASP E 7 -21.01 -5.67 -9.17
CA ASP E 7 -20.30 -4.45 -8.79
C ASP E 7 -20.80 -3.27 -9.62
N VAL E 8 -20.99 -2.13 -8.95
CA VAL E 8 -21.41 -0.90 -9.58
C VAL E 8 -20.33 0.13 -9.33
N THR E 9 -19.82 0.73 -10.39
CA THR E 9 -18.71 1.68 -10.30
C THR E 9 -19.10 2.95 -11.03
N LEU E 10 -18.57 4.07 -10.56
CA LEU E 10 -18.90 5.39 -11.08
C LEU E 10 -17.65 6.05 -11.64
N SER E 11 -17.82 6.75 -12.76
CA SER E 11 -16.72 7.50 -13.34
C SER E 11 -17.28 8.75 -14.02
N LEU E 12 -16.47 9.80 -14.05
CA LEU E 12 -16.84 11.06 -14.69
C LEU E 12 -16.22 11.20 -16.07
N CYS E 13 -15.99 10.09 -16.76
CA CYS E 13 -15.32 10.13 -18.06
C CYS E 13 -16.20 10.74 -19.14
N GLY E 14 -17.49 10.41 -19.11
CA GLY E 14 -18.34 10.77 -20.22
C GLY E 14 -18.04 9.91 -21.43
N GLY E 15 -18.33 10.45 -22.62
CA GLY E 15 -18.04 9.73 -23.83
C GLY E 15 -19.07 8.71 -24.25
N LEU E 16 -20.27 8.76 -23.69
CA LEU E 16 -21.38 7.96 -24.16
C LEU E 16 -22.20 8.69 -25.21
N SER E 17 -21.68 9.80 -25.73
CA SER E 17 -22.35 10.57 -26.77
C SER E 17 -22.32 9.82 -28.10
N ILE E 22 -16.18 5.17 -25.46
CA ILE E 22 -15.61 5.14 -24.11
C ILE E 22 -14.63 4.00 -23.95
N SER E 23 -13.42 4.30 -23.52
CA SER E 23 -12.42 3.27 -23.29
C SER E 23 -12.32 2.98 -21.79
N LYS E 24 -11.75 1.80 -21.48
CA LYS E 24 -11.58 1.42 -20.09
C LYS E 24 -10.55 2.31 -19.39
N GLU E 25 -9.47 2.67 -20.09
CA GLU E 25 -8.53 3.63 -19.52
C GLU E 25 -9.20 4.95 -19.23
N LYS E 26 -10.07 5.41 -20.14
CA LYS E 26 -10.82 6.64 -19.93
C LYS E 26 -11.73 6.52 -18.71
N PHE E 27 -12.36 5.36 -18.53
CA PHE E 27 -13.27 5.17 -17.41
C PHE E 27 -12.54 5.26 -16.07
N MET E 28 -11.49 4.46 -15.91
CA MET E 28 -10.82 4.39 -14.62
C MET E 28 -9.95 5.60 -14.32
N GLU E 29 -9.74 6.47 -15.32
CA GLU E 29 -8.99 7.70 -15.06
C GLU E 29 -9.81 8.71 -14.26
N HIS E 30 -11.14 8.62 -14.32
CA HIS E 30 -12.03 9.60 -13.69
C HIS E 30 -12.99 8.93 -12.72
N ILE E 31 -12.51 7.93 -11.99
CA ILE E 31 -13.36 7.19 -11.05
C ILE E 31 -13.78 8.11 -9.91
N ILE E 32 -15.03 7.95 -9.47
CA ILE E 32 -15.61 8.76 -8.40
C ILE E 32 -15.53 7.99 -7.10
N THR E 33 -14.81 8.54 -6.13
CA THR E 33 -14.69 7.93 -4.82
C THR E 33 -15.87 8.32 -3.93
N TYR E 34 -15.97 7.66 -2.78
CA TYR E 34 -16.99 8.02 -1.80
C TYR E 34 -16.81 9.45 -1.33
N HIS E 35 -15.55 9.86 -1.08
CA HIS E 35 -15.29 11.22 -0.63
C HIS E 35 -15.71 12.25 -1.68
N GLU E 36 -15.37 12.02 -2.95
CA GLU E 36 -15.80 12.93 -4.00
C GLU E 36 -17.31 13.00 -4.09
N PHE E 37 -17.99 11.86 -3.89
CA PHE E 37 -19.44 11.83 -4.00
C PHE E 37 -20.11 12.46 -2.78
N ALA E 38 -19.57 12.19 -1.57
CA ALA E 38 -20.13 12.78 -0.36
C ALA E 38 -19.90 14.29 -0.30
N GLU E 39 -18.83 14.79 -0.92
CA GLU E 39 -18.59 16.23 -0.89
C GLU E 39 -19.49 16.97 -1.86
N ASN E 40 -19.90 16.33 -2.95
CA ASN E 40 -20.78 16.94 -3.95
C ASN E 40 -21.70 15.87 -4.53
N PRO E 41 -22.82 15.60 -3.87
CA PRO E 41 -23.76 14.61 -4.42
C PRO E 41 -24.39 15.01 -5.74
N GLY E 42 -24.30 16.28 -6.14
CA GLY E 42 -24.87 16.73 -7.40
C GLY E 42 -24.24 16.12 -8.65
N LEU E 43 -23.17 15.35 -8.49
CA LEU E 43 -22.56 14.66 -9.63
C LEU E 43 -23.53 13.69 -10.28
N ILE E 44 -24.54 13.23 -9.56
CA ILE E 44 -25.52 12.32 -10.13
C ILE E 44 -26.21 12.97 -11.33
N ASP E 45 -26.33 14.29 -11.31
CA ASP E 45 -26.95 15.05 -12.40
C ASP E 45 -25.94 15.49 -13.45
N ASN E 46 -24.67 15.11 -13.30
CA ASN E 46 -23.66 15.47 -14.29
C ASN E 46 -23.87 14.65 -15.56
N PRO E 47 -23.93 15.30 -16.73
CA PRO E 47 -24.11 14.53 -17.98
C PRO E 47 -23.01 13.51 -18.24
N ASN E 48 -21.81 13.71 -17.70
CA ASN E 48 -20.69 12.81 -17.92
C ASN E 48 -20.64 11.65 -16.93
N LEU E 49 -21.66 11.48 -16.10
CA LEU E 49 -21.67 10.39 -15.14
C LEU E 49 -21.92 9.07 -15.87
N VAL E 50 -21.02 8.11 -15.69
CA VAL E 50 -21.08 6.83 -16.37
C VAL E 50 -21.10 5.72 -15.31
N ILE E 51 -22.04 4.80 -15.44
CA ILE E 51 -22.19 3.68 -14.52
C ILE E 51 -21.70 2.42 -15.22
N ARG E 52 -20.81 1.68 -14.56
CA ARG E 52 -20.31 0.41 -15.05
C ARG E 52 -21.01 -0.73 -14.31
N ILE E 53 -21.86 -1.46 -15.01
CA ILE E 53 -22.58 -2.58 -14.41
C ILE E 53 -22.89 -3.60 -15.51
N TYR E 54 -22.77 -4.88 -15.17
CA TYR E 54 -22.96 -5.98 -16.13
C TYR E 54 -22.00 -5.84 -17.31
N ASN E 55 -20.77 -5.41 -17.03
CA ASN E 55 -19.74 -5.20 -18.04
C ASN E 55 -20.23 -4.30 -19.17
N ARG E 56 -21.04 -3.30 -18.82
CA ARG E 56 -21.55 -2.35 -19.79
C ARG E 56 -21.56 -0.96 -19.18
N TYR E 57 -21.44 0.05 -20.02
CA TYR E 57 -21.48 1.45 -19.60
C TYR E 57 -22.86 2.02 -19.83
N TYR E 58 -23.41 2.69 -18.82
CA TYR E 58 -24.73 3.29 -18.92
C TYR E 58 -24.70 4.69 -18.29
N ASN E 59 -25.56 5.56 -18.79
CA ASN E 59 -25.79 6.82 -18.10
C ASN E 59 -26.80 6.60 -16.97
N TRP E 60 -26.96 7.63 -16.12
CA TRP E 60 -27.80 7.46 -14.93
C TRP E 60 -29.26 7.22 -15.29
N ALA E 61 -29.77 7.92 -16.31
CA ALA E 61 -31.16 7.75 -16.70
C ALA E 61 -31.48 6.30 -17.03
N LEU E 62 -30.52 5.59 -17.62
CA LEU E 62 -30.72 4.17 -17.93
C LEU E 62 -30.34 3.26 -16.77
N ALA E 63 -29.33 3.64 -15.98
CA ALA E 63 -28.84 2.77 -14.91
C ALA E 63 -29.68 2.83 -13.64
N ALA E 64 -30.44 3.90 -13.44
CA ALA E 64 -31.18 4.09 -12.18
C ALA E 64 -32.03 2.90 -11.78
N PRO E 65 -32.91 2.35 -12.62
CA PRO E 65 -33.71 1.21 -12.18
C PRO E 65 -32.88 -0.02 -11.81
N MET E 66 -31.78 -0.27 -12.53
CA MET E 66 -30.93 -1.40 -12.17
C MET E 66 -30.28 -1.18 -10.81
N ILE E 67 -29.89 0.06 -10.52
CA ILE E 67 -29.32 0.37 -9.21
C ILE E 67 -30.38 0.29 -8.13
N LEU E 68 -31.58 0.79 -8.41
CA LEU E 68 -32.63 0.87 -7.39
C LEU E 68 -33.16 -0.50 -7.02
N SER E 69 -33.26 -1.41 -8.00
CA SER E 69 -33.74 -2.76 -7.69
C SER E 69 -32.71 -3.53 -6.87
N LEU E 70 -31.42 -3.30 -7.12
CA LEU E 70 -30.37 -3.95 -6.33
C LEU E 70 -30.38 -3.47 -4.88
N GLN E 71 -30.78 -2.23 -4.63
CA GLN E 71 -30.74 -1.69 -3.28
C GLN E 71 -32.00 -2.06 -2.48
N VAL E 72 -33.16 -2.09 -3.13
CA VAL E 72 -34.42 -2.36 -2.45
C VAL E 72 -34.68 -3.86 -2.34
N PHE E 73 -34.43 -4.63 -3.39
CA PHE E 73 -34.74 -6.05 -3.38
C PHE E 73 -33.50 -6.95 -3.37
N GLN E 74 -32.30 -6.38 -3.46
CA GLN E 74 -31.06 -7.17 -3.51
C GLN E 74 -31.16 -8.25 -4.58
N LYS E 75 -31.70 -7.86 -5.74
CA LYS E 75 -31.86 -8.77 -6.86
C LYS E 75 -31.88 -7.96 -8.15
N SER E 76 -31.09 -8.40 -9.12
CA SER E 76 -31.01 -7.69 -10.40
C SER E 76 -32.34 -7.78 -11.15
N LEU E 77 -32.60 -6.77 -11.96
CA LEU E 77 -33.71 -6.84 -12.89
C LEU E 77 -33.48 -7.97 -13.91
N PRO E 78 -34.55 -8.59 -14.42
CA PRO E 78 -34.38 -9.64 -15.41
C PRO E 78 -33.63 -9.14 -16.65
N LYS E 79 -32.89 -10.04 -17.29
CA LYS E 79 -32.07 -9.65 -18.43
C LYS E 79 -32.93 -9.14 -19.57
N ALA E 80 -34.11 -9.74 -19.79
CA ALA E 80 -35.03 -9.24 -20.79
C ALA E 80 -35.54 -7.86 -20.42
N THR E 81 -35.68 -7.58 -19.12
CA THR E 81 -36.11 -6.26 -18.68
C THR E 81 -35.05 -5.21 -18.99
N VAL E 82 -33.78 -5.52 -18.72
CA VAL E 82 -32.71 -4.59 -19.01
C VAL E 82 -32.62 -4.33 -20.51
N GLU E 83 -32.71 -5.39 -21.32
CA GLU E 83 -32.58 -5.24 -22.77
C GLU E 83 -33.67 -4.34 -23.33
N SER E 84 -34.92 -4.55 -22.90
CA SER E 84 -36.01 -3.72 -23.39
C SER E 84 -35.89 -2.30 -22.86
N TRP E 85 -35.51 -2.15 -21.58
CA TRP E 85 -35.35 -0.82 -21.01
C TRP E 85 -34.26 -0.04 -21.72
N VAL E 86 -33.12 -0.69 -21.97
CA VAL E 86 -32.00 -0.02 -22.62
C VAL E 86 -32.37 0.40 -24.04
N LYS E 87 -32.95 -0.52 -24.80
CA LYS E 87 -33.19 -0.26 -26.22
C LYS E 87 -34.28 0.79 -26.42
N ASP E 88 -35.34 0.74 -25.61
CA ASP E 88 -36.52 1.56 -25.85
C ASP E 88 -36.49 2.89 -25.11
N LYS E 89 -35.33 3.30 -24.59
CA LYS E 89 -35.11 4.68 -24.24
C LYS E 89 -33.77 5.21 -24.76
N MET E 90 -32.98 4.39 -25.42
CA MET E 90 -31.82 4.86 -26.16
C MET E 90 -31.63 4.02 -27.42
N ASP F 4 -26.85 -2.75 9.80
CA ASP F 4 -25.98 -1.60 9.74
C ASP F 4 -26.37 -0.71 8.56
N LEU F 5 -26.72 -1.33 7.43
CA LEU F 5 -27.07 -0.50 6.29
C LEU F 5 -28.57 -0.23 6.25
N PRO F 6 -28.95 0.99 5.88
CA PRO F 6 -30.36 1.38 5.99
C PRO F 6 -31.26 0.60 5.06
N ASP F 7 -32.48 0.34 5.54
CA ASP F 7 -33.51 -0.28 4.72
C ASP F 7 -34.09 0.74 3.75
N VAL F 8 -34.34 0.31 2.52
CA VAL F 8 -34.95 1.13 1.49
C VAL F 8 -36.21 0.41 1.02
N THR F 9 -37.35 1.12 1.08
CA THR F 9 -38.62 0.56 0.67
C THR F 9 -39.30 1.51 -0.30
N LEU F 10 -39.95 0.94 -1.32
CA LEU F 10 -40.61 1.71 -2.36
C LEU F 10 -42.12 1.55 -2.24
N SER F 11 -42.85 2.65 -2.43
CA SER F 11 -44.30 2.63 -2.41
C SER F 11 -44.83 3.59 -3.47
N LEU F 12 -45.93 3.17 -4.10
CA LEU F 12 -46.65 4.01 -5.05
C LEU F 12 -47.75 4.83 -4.38
N CYS F 13 -47.63 5.06 -3.07
CA CYS F 13 -48.63 5.87 -2.38
C CYS F 13 -48.66 7.29 -2.93
N GLY F 14 -47.49 7.85 -3.23
CA GLY F 14 -47.43 9.21 -3.73
C GLY F 14 -47.90 10.21 -2.69
N GLY F 15 -48.26 11.39 -3.17
CA GLY F 15 -48.86 12.41 -2.33
C GLY F 15 -47.95 12.95 -1.25
N LEU F 16 -46.67 13.13 -1.56
CA LEU F 16 -45.78 13.80 -0.61
C LEU F 16 -46.07 15.30 -0.54
N SER F 17 -46.28 15.91 -1.70
CA SER F 17 -46.60 17.33 -1.76
C SER F 17 -48.08 17.56 -2.09
N ILE F 22 -47.70 12.02 5.20
CA ILE F 22 -48.13 10.83 4.46
C ILE F 22 -48.64 9.78 5.42
N SER F 23 -49.85 9.28 5.14
CA SER F 23 -50.38 8.20 5.95
C SER F 23 -49.48 6.99 5.88
N LYS F 24 -49.39 6.31 6.99
CA LYS F 24 -48.58 5.12 7.00
C LYS F 24 -49.36 3.89 6.52
N GLU F 25 -50.68 3.89 6.76
CA GLU F 25 -51.55 2.91 6.13
C GLU F 25 -51.54 3.06 4.61
N LYS F 26 -51.47 4.29 4.12
CA LYS F 26 -51.43 4.53 2.67
C LYS F 26 -50.11 4.05 2.08
N PHE F 27 -49.01 4.15 2.83
CA PHE F 27 -47.73 3.68 2.34
C PHE F 27 -47.73 2.17 2.16
N MET F 28 -48.30 1.43 3.12
CA MET F 28 -48.26 -0.03 3.07
C MET F 28 -49.21 -0.61 2.04
N GLU F 29 -50.16 0.19 1.55
CA GLU F 29 -51.11 -0.33 0.56
C GLU F 29 -50.48 -0.45 -0.82
N HIS F 30 -49.55 0.44 -1.15
CA HIS F 30 -48.99 0.54 -2.49
C HIS F 30 -47.49 0.25 -2.48
N ILE F 31 -47.07 -0.71 -1.65
CA ILE F 31 -45.67 -1.10 -1.63
C ILE F 31 -45.34 -1.84 -2.92
N ILE F 32 -44.26 -1.43 -3.57
CA ILE F 32 -43.89 -1.96 -4.88
C ILE F 32 -43.13 -3.28 -4.66
N THR F 33 -43.71 -4.38 -5.12
CA THR F 33 -43.03 -5.66 -5.08
C THR F 33 -41.84 -5.66 -6.03
N TYR F 34 -40.96 -6.64 -5.86
CA TYR F 34 -39.91 -6.85 -6.86
C TYR F 34 -40.53 -7.23 -8.19
N HIS F 35 -41.58 -8.07 -8.15
CA HIS F 35 -42.27 -8.47 -9.37
C HIS F 35 -42.89 -7.26 -10.07
N GLU F 36 -43.46 -6.32 -9.31
CA GLU F 36 -44.01 -5.12 -9.93
C GLU F 36 -42.93 -4.28 -10.59
N PHE F 37 -41.78 -4.12 -9.92
CA PHE F 37 -40.70 -3.31 -10.49
C PHE F 37 -39.98 -4.04 -11.61
N ALA F 38 -39.79 -5.36 -11.48
CA ALA F 38 -39.10 -6.12 -12.52
C ALA F 38 -39.86 -6.13 -13.84
N GLU F 39 -41.18 -5.96 -13.81
CA GLU F 39 -41.97 -5.94 -15.03
C GLU F 39 -42.33 -4.53 -15.49
N ASN F 40 -42.00 -3.52 -14.70
CA ASN F 40 -42.26 -2.13 -15.07
C ASN F 40 -41.20 -1.23 -14.43
N PRO F 41 -40.02 -1.15 -15.05
CA PRO F 41 -38.97 -0.27 -14.50
C PRO F 41 -39.30 1.20 -14.66
N GLY F 42 -40.21 1.55 -15.56
CA GLY F 42 -40.65 2.93 -15.69
C GLY F 42 -41.32 3.48 -14.45
N LEU F 43 -41.66 2.62 -13.48
CA LEU F 43 -42.18 3.10 -12.21
C LEU F 43 -41.24 4.09 -11.55
N ILE F 44 -39.94 4.01 -11.84
CA ILE F 44 -38.97 4.96 -11.31
C ILE F 44 -39.26 6.38 -11.78
N ASP F 45 -39.95 6.53 -12.93
CA ASP F 45 -40.34 7.83 -13.44
C ASP F 45 -41.73 8.26 -12.95
N ASN F 46 -42.46 7.37 -12.31
CA ASN F 46 -43.81 7.69 -11.85
C ASN F 46 -43.75 8.81 -10.80
N PRO F 47 -44.55 9.87 -10.96
CA PRO F 47 -44.51 10.96 -9.97
C PRO F 47 -44.94 10.55 -8.57
N ASN F 48 -45.70 9.45 -8.44
CA ASN F 48 -46.18 8.98 -7.15
C ASN F 48 -45.24 7.99 -6.49
N LEU F 49 -43.96 8.00 -6.84
CA LEU F 49 -42.97 7.10 -6.23
C LEU F 49 -42.45 7.72 -4.94
N VAL F 50 -42.56 6.99 -3.85
CA VAL F 50 -42.09 7.42 -2.54
C VAL F 50 -41.06 6.41 -2.04
N ILE F 51 -39.94 6.92 -1.56
CA ILE F 51 -38.86 6.10 -1.02
C ILE F 51 -38.81 6.28 0.49
N ARG F 52 -38.87 5.18 1.22
CA ARG F 52 -38.79 5.19 2.69
C ARG F 52 -37.36 4.83 3.07
N ILE F 53 -36.59 5.83 3.48
CA ILE F 53 -35.22 5.62 3.93
C ILE F 53 -34.92 6.62 5.04
N TYR F 54 -34.21 6.17 6.07
CA TYR F 54 -33.86 7.00 7.22
C TYR F 54 -35.10 7.54 7.93
N ASN F 55 -36.12 6.69 8.04
CA ASN F 55 -37.38 7.04 8.71
C ASN F 55 -37.99 8.31 8.12
N ARG F 56 -37.92 8.44 6.79
CA ARG F 56 -38.46 9.60 6.12
C ARG F 56 -38.93 9.21 4.73
N TYR F 57 -39.75 10.05 4.13
CA TYR F 57 -40.28 9.85 2.79
C TYR F 57 -39.64 10.84 1.84
N TYR F 58 -39.11 10.34 0.73
CA TYR F 58 -38.51 11.18 -0.30
C TYR F 58 -39.01 10.77 -1.67
N ASN F 59 -39.06 11.74 -2.59
CA ASN F 59 -39.24 11.41 -3.99
C ASN F 59 -37.94 10.81 -4.55
N TRP F 60 -38.00 10.32 -5.79
CA TRP F 60 -36.80 9.74 -6.38
C TRP F 60 -35.71 10.79 -6.58
N ALA F 61 -36.10 12.04 -6.85
CA ALA F 61 -35.11 13.08 -7.11
C ALA F 61 -34.22 13.32 -5.89
N LEU F 62 -34.81 13.35 -4.70
CA LEU F 62 -34.03 13.56 -3.50
C LEU F 62 -33.30 12.30 -3.07
N ALA F 63 -33.94 11.14 -3.22
CA ALA F 63 -33.38 9.89 -2.72
C ALA F 63 -32.36 9.26 -3.65
N ALA F 64 -32.24 9.74 -4.89
CA ALA F 64 -31.34 9.10 -5.84
C ALA F 64 -29.89 9.07 -5.37
N PRO F 65 -29.30 10.18 -4.90
CA PRO F 65 -27.90 10.10 -4.45
C PRO F 65 -27.71 9.24 -3.21
N MET F 66 -28.73 9.15 -2.36
CA MET F 66 -28.60 8.29 -1.18
C MET F 66 -28.49 6.82 -1.58
N ILE F 67 -29.30 6.39 -2.54
CA ILE F 67 -29.29 4.98 -2.92
C ILE F 67 -28.06 4.64 -3.77
N LEU F 68 -27.63 5.55 -4.64
CA LEU F 68 -26.42 5.30 -5.42
C LEU F 68 -25.21 5.10 -4.51
N SER F 69 -25.05 5.97 -3.50
CA SER F 69 -23.93 5.85 -2.58
C SER F 69 -23.98 4.52 -1.83
N LEU F 70 -25.18 4.09 -1.44
CA LEU F 70 -25.32 2.80 -0.77
C LEU F 70 -24.94 1.65 -1.69
N GLN F 71 -25.19 1.79 -2.99
CA GLN F 71 -24.95 0.68 -3.92
C GLN F 71 -23.48 0.62 -4.33
N VAL F 72 -22.88 1.76 -4.65
CA VAL F 72 -21.52 1.79 -5.15
C VAL F 72 -20.52 1.68 -4.01
N PHE F 73 -20.65 2.54 -2.99
CA PHE F 73 -19.70 2.59 -1.90
C PHE F 73 -20.15 1.82 -0.66
N GLN F 74 -21.35 1.26 -0.67
CA GLN F 74 -21.85 0.49 0.48
C GLN F 74 -21.75 1.29 1.78
N LYS F 75 -22.10 2.57 1.69
CA LYS F 75 -22.00 3.46 2.83
C LYS F 75 -22.95 4.63 2.60
N SER F 76 -23.66 5.02 3.67
CA SER F 76 -24.59 6.13 3.60
C SER F 76 -23.85 7.45 3.36
N LEU F 77 -24.50 8.35 2.64
CA LEU F 77 -24.01 9.72 2.61
C LEU F 77 -24.03 10.29 4.03
N PRO F 78 -23.08 11.16 4.38
CA PRO F 78 -23.03 11.72 5.74
C PRO F 78 -24.31 12.49 6.06
N LYS F 79 -24.59 12.60 7.37
CA LYS F 79 -25.84 13.23 7.79
C LYS F 79 -25.88 14.70 7.39
N ALA F 80 -24.77 15.42 7.55
CA ALA F 80 -24.73 16.81 7.11
C ALA F 80 -24.97 16.92 5.60
N THR F 81 -24.47 15.94 4.85
CA THR F 81 -24.65 15.97 3.40
C THR F 81 -26.11 15.77 3.01
N VAL F 82 -26.76 14.74 3.57
CA VAL F 82 -28.17 14.50 3.29
C VAL F 82 -29.01 15.69 3.76
N GLU F 83 -28.66 16.26 4.91
CA GLU F 83 -29.30 17.49 5.34
C GLU F 83 -29.09 18.60 4.32
N SER F 84 -27.86 18.75 3.82
CA SER F 84 -27.59 19.74 2.79
C SER F 84 -28.23 19.35 1.46
N TRP F 85 -28.35 18.05 1.17
CA TRP F 85 -28.90 17.67 -0.13
C TRP F 85 -30.39 17.94 -0.24
N VAL F 86 -31.13 17.84 0.88
CA VAL F 86 -32.58 17.94 0.85
C VAL F 86 -33.10 19.29 1.38
N LYS F 87 -32.24 20.26 1.73
CA LYS F 87 -32.74 21.34 2.60
C LYS F 87 -33.81 22.16 1.90
N ASP F 88 -33.59 22.69 0.68
CA ASP F 88 -34.56 23.66 0.10
C ASP F 88 -35.82 22.94 -0.39
N LYS F 89 -35.63 21.82 -1.04
CA LYS F 89 -36.71 21.10 -1.72
C LYS F 89 -37.54 20.28 -0.75
N ASP G 4 21.99 -4.48 8.99
CA ASP G 4 22.14 -4.00 10.36
C ASP G 4 22.92 -2.68 10.39
N LEU G 5 23.30 -2.19 9.21
CA LEU G 5 23.97 -0.91 9.15
C LEU G 5 23.02 0.21 9.57
N PRO G 6 23.50 1.20 10.33
CA PRO G 6 22.60 2.23 10.84
C PRO G 6 22.06 3.11 9.73
N ASP G 7 20.94 3.75 10.03
CA ASP G 7 20.34 4.72 9.12
C ASP G 7 21.00 6.07 9.28
N VAL G 8 21.10 6.80 8.17
CA VAL G 8 21.70 8.13 8.13
C VAL G 8 20.67 9.07 7.53
N THR G 9 20.15 9.99 8.32
CA THR G 9 19.16 10.94 7.86
C THR G 9 19.74 12.35 7.96
N LEU G 10 19.45 13.17 6.95
CA LEU G 10 19.94 14.55 6.89
C LEU G 10 18.79 15.50 7.16
N SER G 11 19.05 16.51 7.98
CA SER G 11 18.06 17.52 8.29
C SER G 11 18.75 18.88 8.42
N LEU G 12 18.01 19.93 8.05
CA LEU G 12 18.45 21.31 8.24
C LEU G 12 17.80 21.94 9.46
N CYS G 13 17.57 21.17 10.52
CA CYS G 13 16.86 21.72 11.67
C CYS G 13 17.69 22.77 12.39
N GLY G 14 19.01 22.61 12.40
CA GLY G 14 19.85 23.49 13.17
C GLY G 14 19.67 23.25 14.65
N GLY G 15 20.16 24.21 15.43
CA GLY G 15 20.15 24.08 16.87
C GLY G 15 21.32 23.25 17.36
N ILE G 22 17.69 19.34 20.51
CA ILE G 22 17.05 19.22 19.22
C ILE G 22 15.77 18.43 19.34
N SER G 23 14.66 19.04 18.93
CA SER G 23 13.36 18.39 18.99
C SER G 23 13.14 17.58 17.72
N LYS G 24 12.52 16.41 17.88
CA LYS G 24 12.20 15.58 16.72
C LYS G 24 11.26 16.30 15.77
N GLU G 25 10.39 17.16 16.28
CA GLU G 25 9.52 17.94 15.40
C GLU G 25 10.34 18.85 14.49
N LYS G 26 11.37 19.49 15.04
CA LYS G 26 12.22 20.36 14.23
C LYS G 26 13.04 19.54 13.22
N PHE G 27 13.46 18.34 13.61
CA PHE G 27 14.24 17.50 12.73
C PHE G 27 13.43 17.06 11.51
N MET G 28 12.24 16.51 11.75
CA MET G 28 11.39 16.03 10.66
C MET G 28 10.96 17.15 9.73
N GLU G 29 10.95 18.40 10.21
CA GLU G 29 10.45 19.49 9.39
C GLU G 29 11.44 19.88 8.28
N HIS G 30 12.74 19.72 8.54
CA HIS G 30 13.76 20.20 7.61
C HIS G 30 14.62 19.07 7.04
N ILE G 31 14.04 17.88 6.88
CA ILE G 31 14.80 16.75 6.38
C ILE G 31 15.17 16.99 4.91
N ILE G 32 16.45 16.78 4.59
CA ILE G 32 16.96 17.01 3.24
C ILE G 32 16.64 15.81 2.37
N THR G 33 15.94 16.04 1.27
CA THR G 33 15.70 15.00 0.29
C THR G 33 16.88 14.89 -0.67
N TYR G 34 16.88 13.82 -1.47
CA TYR G 34 17.92 13.64 -2.48
C TYR G 34 17.91 14.79 -3.49
N HIS G 35 16.72 15.20 -3.92
CA HIS G 35 16.62 16.29 -4.88
C HIS G 35 17.18 17.58 -4.31
N GLU G 36 16.90 17.87 -3.04
CA GLU G 36 17.46 19.06 -2.41
C GLU G 36 18.98 18.99 -2.37
N PHE G 37 19.52 17.87 -1.88
CA PHE G 37 20.96 17.75 -1.76
C PHE G 37 21.66 17.65 -3.10
N ALA G 38 21.02 17.04 -4.10
CA ALA G 38 21.60 16.96 -5.43
C ALA G 38 21.70 18.33 -6.09
N GLU G 39 20.80 19.25 -5.75
CA GLU G 39 20.83 20.58 -6.33
C GLU G 39 21.69 21.55 -5.53
N ASN G 40 22.06 21.21 -4.29
CA ASN G 40 22.84 22.09 -3.44
C ASN G 40 23.78 21.25 -2.60
N PRO G 41 24.87 20.74 -3.20
CA PRO G 41 25.84 19.98 -2.42
C PRO G 41 26.53 20.81 -1.34
N GLY G 42 26.59 22.12 -1.51
CA GLY G 42 27.16 22.99 -0.49
C GLY G 42 26.43 22.96 0.83
N LEU G 43 25.25 22.34 0.88
CA LEU G 43 24.55 22.17 2.15
C LEU G 43 25.37 21.34 3.14
N ILE G 44 26.35 20.58 2.64
CA ILE G 44 27.21 19.81 3.54
C ILE G 44 28.01 20.74 4.44
N ASP G 45 28.23 21.98 4.01
CA ASP G 45 28.89 22.99 4.81
C ASP G 45 27.91 23.98 5.45
N ASN G 46 26.62 23.83 5.18
CA ASN G 46 25.62 24.64 5.87
C ASN G 46 25.67 24.36 7.36
N PRO G 47 25.74 25.39 8.20
CA PRO G 47 25.99 25.14 9.63
C PRO G 47 24.85 24.42 10.32
N ASN G 48 23.63 24.50 9.78
CA ASN G 48 22.46 23.87 10.38
C ASN G 48 22.26 22.43 9.91
N LEU G 49 23.25 21.82 9.26
CA LEU G 49 23.11 20.45 8.79
C LEU G 49 23.30 19.49 9.96
N VAL G 50 22.25 18.76 10.30
CA VAL G 50 22.25 17.81 11.40
C VAL G 50 22.15 16.40 10.83
N ILE G 51 22.96 15.50 11.38
CA ILE G 51 23.04 14.12 10.89
C ILE G 51 22.55 13.20 12.00
N ARG G 52 21.61 12.32 11.66
CA ARG G 52 21.02 11.37 12.59
C ARG G 52 21.68 10.01 12.42
N ILE G 53 22.50 9.61 13.39
CA ILE G 53 23.05 8.26 13.48
C ILE G 53 23.02 7.86 14.95
N TYR G 54 22.98 6.55 15.18
CA TYR G 54 23.21 5.95 16.51
C TYR G 54 22.36 6.65 17.58
N ASN G 55 21.12 7.00 17.22
CA ASN G 55 20.18 7.64 18.13
C ASN G 55 20.69 8.98 18.66
N ARG G 56 21.55 9.65 17.89
CA ARG G 56 22.13 10.91 18.32
C ARG G 56 22.13 11.90 17.17
N TYR G 57 22.39 13.16 17.50
CA TYR G 57 22.52 14.23 16.53
C TYR G 57 23.97 14.70 16.50
N TYR G 58 24.58 14.72 15.32
CA TYR G 58 25.93 15.22 15.13
C TYR G 58 25.94 16.24 14.00
N ASN G 59 26.84 17.21 14.12
CA ASN G 59 27.14 18.07 12.99
C ASN G 59 28.07 17.33 12.03
N TRP G 60 28.35 17.95 10.88
CA TRP G 60 29.16 17.26 9.88
C TRP G 60 30.58 17.00 10.38
N ALA G 61 31.12 17.89 11.22
CA ALA G 61 32.47 17.68 11.73
C ALA G 61 32.54 16.44 12.60
N LEU G 62 31.49 16.18 13.38
CA LEU G 62 31.47 14.98 14.21
C LEU G 62 31.17 13.74 13.39
N ALA G 63 30.24 13.83 12.44
CA ALA G 63 29.71 12.65 11.79
C ALA G 63 30.53 12.16 10.61
N ALA G 64 31.34 13.04 10.00
CA ALA G 64 32.04 12.69 8.76
C ALA G 64 32.84 11.40 8.84
N PRO G 65 33.70 11.16 9.84
CA PRO G 65 34.42 9.87 9.86
C PRO G 65 33.51 8.67 10.06
N MET G 66 32.37 8.84 10.74
CA MET G 66 31.44 7.74 10.90
C MET G 66 30.79 7.36 9.59
N ILE G 67 30.40 8.38 8.80
CA ILE G 67 29.77 8.11 7.51
C ILE G 67 30.77 7.51 6.53
N LEU G 68 32.01 8.01 6.55
CA LEU G 68 33.02 7.51 5.62
C LEU G 68 33.37 6.04 5.90
N SER G 69 33.41 5.65 7.17
CA SER G 69 33.71 4.26 7.48
C SER G 69 32.59 3.34 7.02
N LEU G 70 31.33 3.80 7.12
CA LEU G 70 30.22 3.00 6.63
C LEU G 70 30.23 2.88 5.12
N GLN G 71 30.63 3.93 4.42
CA GLN G 71 30.61 3.89 2.96
C GLN G 71 31.80 3.13 2.39
N VAL G 72 32.97 3.25 3.02
CA VAL G 72 34.17 2.60 2.50
C VAL G 72 34.26 1.16 2.97
N PHE G 73 34.22 0.94 4.28
CA PHE G 73 34.42 -0.40 4.86
C PHE G 73 33.12 -1.11 5.18
N GLN G 74 31.97 -0.47 4.97
CA GLN G 74 30.65 -1.04 5.28
C GLN G 74 30.61 -1.60 6.70
N LYS G 75 31.14 -0.80 7.63
CA LYS G 75 31.24 -1.19 9.02
C LYS G 75 31.33 0.06 9.87
N SER G 76 30.66 0.05 11.02
CA SER G 76 30.65 1.18 11.93
C SER G 76 31.99 1.29 12.66
N LEU G 77 32.36 2.53 12.97
CA LEU G 77 33.47 2.75 13.88
C LEU G 77 33.17 2.08 15.23
N PRO G 78 34.20 1.60 15.93
CA PRO G 78 34.00 1.13 17.30
C PRO G 78 33.44 2.24 18.18
N LYS G 79 32.65 1.86 19.18
CA LYS G 79 32.08 2.86 20.08
C LYS G 79 33.18 3.64 20.78
N ALA G 80 34.24 2.96 21.22
CA ALA G 80 35.36 3.65 21.84
C ALA G 80 35.97 4.67 20.90
N THR G 81 35.97 4.37 19.60
CA THR G 81 36.47 5.32 18.60
C THR G 81 35.60 6.57 18.55
N VAL G 82 34.28 6.39 18.53
CA VAL G 82 33.38 7.53 18.42
C VAL G 82 33.40 8.36 19.69
N GLU G 83 33.48 7.69 20.85
CA GLU G 83 33.55 8.40 22.13
C GLU G 83 34.75 9.33 22.17
N SER G 84 35.93 8.83 21.81
CA SER G 84 37.13 9.66 21.86
C SER G 84 37.12 10.73 20.78
N TRP G 85 36.56 10.41 19.63
CA TRP G 85 36.48 11.36 18.56
C TRP G 85 35.53 12.48 18.98
N VAL G 86 34.45 12.12 19.71
CA VAL G 86 33.37 13.06 20.02
C VAL G 86 33.83 14.13 20.96
N LYS G 87 34.45 13.73 22.04
CA LYS G 87 34.94 14.74 22.97
C LYS G 87 36.30 15.30 22.59
N ASP G 88 36.96 14.73 21.57
CA ASP G 88 38.13 15.38 21.00
C ASP G 88 37.74 16.67 20.29
N LYS G 89 36.55 16.71 19.69
CA LYS G 89 36.10 17.88 18.94
C LYS G 89 35.24 18.81 19.81
N ASP H 4 23.55 -1.06 -8.00
CA ASP H 4 24.97 -1.37 -7.81
C ASP H 4 25.78 -0.08 -7.72
N LEU H 5 26.36 0.17 -6.53
CA LEU H 5 26.92 1.47 -6.18
C LEU H 5 28.43 1.50 -6.37
N PRO H 6 28.99 2.69 -6.61
CA PRO H 6 30.42 2.79 -6.90
C PRO H 6 31.29 2.38 -5.74
N ASP H 7 32.46 1.83 -6.05
CA ASP H 7 33.44 1.50 -5.03
C ASP H 7 34.05 2.78 -4.47
N VAL H 8 34.38 2.74 -3.19
CA VAL H 8 35.07 3.84 -2.52
C VAL H 8 36.27 3.25 -1.80
N THR H 9 37.47 3.75 -2.12
CA THR H 9 38.71 3.28 -1.54
C THR H 9 39.50 4.48 -1.04
N LEU H 10 40.14 4.32 0.13
CA LEU H 10 40.93 5.37 0.75
C LEU H 10 42.42 5.02 0.69
N SER H 11 43.24 6.03 0.41
CA SER H 11 44.68 5.84 0.41
C SER H 11 45.35 7.12 0.90
N LEU H 12 46.46 6.95 1.59
CA LEU H 12 47.26 8.07 2.10
C LEU H 12 48.41 8.39 1.13
N CYS H 13 48.03 8.76 -0.09
CA CYS H 13 48.97 8.93 -1.19
C CYS H 13 48.92 10.34 -1.80
N GLY H 14 48.45 11.32 -1.05
CA GLY H 14 48.34 12.67 -1.57
C GLY H 14 49.67 13.34 -1.86
N ILE H 22 48.98 10.54 -9.97
CA ILE H 22 49.17 9.57 -8.89
C ILE H 22 49.34 8.18 -9.47
N SER H 23 50.44 7.52 -9.07
CA SER H 23 50.69 6.15 -9.51
C SER H 23 49.60 5.22 -9.02
N LYS H 24 49.36 4.15 -9.78
CA LYS H 24 48.66 3.02 -9.20
C LYS H 24 49.51 2.34 -8.14
N GLU H 25 50.83 2.36 -8.32
CA GLU H 25 51.73 1.75 -7.35
C GLU H 25 51.70 2.49 -6.01
N LYS H 26 51.80 3.82 -6.05
CA LYS H 26 51.80 4.58 -4.81
C LYS H 26 50.41 4.66 -4.19
N PHE H 27 49.35 4.52 -4.99
CA PHE H 27 48.02 4.47 -4.43
C PHE H 27 47.80 3.16 -3.66
N MET H 28 48.11 2.03 -4.30
CA MET H 28 47.93 0.74 -3.63
C MET H 28 48.85 0.59 -2.42
N GLU H 29 49.90 1.39 -2.33
CA GLU H 29 50.87 1.26 -1.24
C GLU H 29 50.32 1.83 0.07
N HIS H 30 49.45 2.84 0.00
CA HIS H 30 48.99 3.56 1.18
C HIS H 30 47.48 3.42 1.40
N ILE H 31 46.90 2.31 0.95
CA ILE H 31 45.47 2.08 1.16
C ILE H 31 45.20 1.90 2.65
N ILE H 32 44.19 2.62 3.15
CA ILE H 32 43.87 2.67 4.56
C ILE H 32 42.84 1.58 4.89
N THR H 33 43.21 0.64 5.74
CA THR H 33 42.29 -0.40 6.16
C THR H 33 41.34 0.12 7.22
N TYR H 34 40.38 -0.73 7.61
CA TYR H 34 39.41 -0.32 8.62
C TYR H 34 40.07 -0.13 9.98
N HIS H 35 41.03 -0.98 10.32
CA HIS H 35 41.72 -0.84 11.61
C HIS H 35 42.56 0.43 11.64
N GLU H 36 43.21 0.78 10.54
CA GLU H 36 43.95 2.03 10.48
C GLU H 36 43.02 3.21 10.69
N PHE H 37 41.86 3.21 10.03
CA PHE H 37 40.92 4.32 10.18
C PHE H 37 40.25 4.30 11.56
N ALA H 38 39.97 3.11 12.09
CA ALA H 38 39.42 3.02 13.44
C ALA H 38 40.42 3.53 14.46
N GLU H 39 41.71 3.22 14.28
CA GLU H 39 42.70 3.68 15.24
C GLU H 39 42.98 5.17 15.14
N ASN H 40 42.62 5.79 14.02
CA ASN H 40 42.92 7.21 13.79
C ASN H 40 41.89 7.80 12.83
N PRO H 41 40.68 8.07 13.31
CA PRO H 41 39.68 8.71 12.44
C PRO H 41 40.07 10.11 11.99
N GLY H 42 41.04 10.73 12.66
CA GLY H 42 41.54 12.03 12.23
C GLY H 42 42.21 12.01 10.87
N LEU H 43 42.42 10.83 10.29
CA LEU H 43 42.92 10.74 8.92
C LEU H 43 42.04 11.49 7.94
N ILE H 44 40.76 11.71 8.28
CA ILE H 44 39.88 12.46 7.40
C ILE H 44 40.34 13.90 7.26
N ASP H 45 41.03 14.43 8.27
CA ASP H 45 41.61 15.76 8.21
C ASP H 45 43.02 15.77 7.62
N ASN H 46 43.64 14.61 7.48
CA ASN H 46 44.98 14.53 6.92
C ASN H 46 44.95 14.99 5.46
N PRO H 47 45.78 15.97 5.08
CA PRO H 47 45.73 16.47 3.69
C PRO H 47 46.18 15.46 2.65
N ASN H 48 46.82 14.36 3.05
CA ASN H 48 47.27 13.34 2.11
C ASN H 48 46.24 12.24 1.88
N LEU H 49 45.02 12.41 2.39
CA LEU H 49 43.96 11.44 2.18
C LEU H 49 43.42 11.56 0.76
N VAL H 50 43.43 10.45 0.03
CA VAL H 50 42.95 10.40 -1.35
C VAL H 50 41.80 9.41 -1.42
N ILE H 51 40.72 9.81 -2.09
CA ILE H 51 39.52 9.00 -2.22
C ILE H 51 39.40 8.56 -3.66
N ARG H 52 39.27 7.25 -3.87
CA ARG H 52 39.19 6.66 -5.21
C ARG H 52 37.73 6.34 -5.50
N ILE H 53 37.07 7.20 -6.28
CA ILE H 53 35.68 7.00 -6.66
C ILE H 53 35.49 7.47 -8.09
N TYR H 54 34.63 6.79 -8.83
CA TYR H 54 34.31 7.14 -10.22
C TYR H 54 35.55 7.18 -11.10
N ASN H 55 36.50 6.29 -10.83
CA ASN H 55 37.76 6.20 -11.57
C ASN H 55 38.55 7.51 -11.50
N ARG H 56 38.42 8.23 -10.40
CA ARG H 56 39.15 9.49 -10.20
C ARG H 56 39.77 9.50 -8.81
N TYR H 57 40.65 10.48 -8.60
CA TYR H 57 41.29 10.71 -7.31
C TYR H 57 40.80 12.05 -6.78
N TYR H 58 40.15 12.03 -5.62
CA TYR H 58 39.66 13.23 -4.98
C TYR H 58 40.20 13.31 -3.56
N ASN H 59 40.40 14.54 -3.07
CA ASN H 59 40.64 14.72 -1.66
C ASN H 59 39.31 14.63 -0.92
N TRP H 60 39.33 14.82 0.39
CA TRP H 60 38.10 14.68 1.16
C TRP H 60 37.13 15.81 0.85
N ALA H 61 37.62 17.02 0.59
CA ALA H 61 36.73 18.17 0.42
C ALA H 61 35.81 17.99 -0.77
N LEU H 62 36.32 17.45 -1.89
CA LEU H 62 35.48 17.29 -3.07
C LEU H 62 34.65 16.01 -3.01
N ALA H 63 35.20 14.93 -2.45
CA ALA H 63 34.48 13.68 -2.39
C ALA H 63 33.42 13.64 -1.29
N ALA H 64 33.43 14.60 -0.36
CA ALA H 64 32.54 14.52 0.79
C ALA H 64 31.06 14.53 0.42
N PRO H 65 30.57 15.42 -0.47
CA PRO H 65 29.16 15.31 -0.86
C PRO H 65 28.85 14.05 -1.64
N MET H 66 29.84 13.50 -2.36
CA MET H 66 29.62 12.25 -3.09
C MET H 66 29.39 11.09 -2.14
N ILE H 67 30.21 10.99 -1.09
CA ILE H 67 30.09 9.86 -0.17
C ILE H 67 28.85 10.03 0.72
N LEU H 68 28.53 11.27 1.10
CA LEU H 68 27.36 11.49 1.93
C LEU H 68 26.07 11.12 1.20
N SER H 69 26.01 11.41 -0.11
CA SER H 69 24.81 11.10 -0.87
C SER H 69 24.66 9.59 -1.05
N LEU H 70 25.77 8.89 -1.27
CA LEU H 70 25.71 7.43 -1.35
C LEU H 70 25.24 6.82 -0.05
N GLN H 71 25.52 7.46 1.08
CA GLN H 71 25.21 6.88 2.37
C GLN H 71 23.75 7.12 2.74
N VAL H 72 23.28 8.36 2.56
CA VAL H 72 21.95 8.74 2.99
C VAL H 72 20.89 8.28 2.01
N PHE H 73 21.06 8.59 0.73
CA PHE H 73 20.09 8.30 -0.31
C PHE H 73 20.41 7.06 -1.13
N GLN H 74 21.62 6.50 -0.97
CA GLN H 74 22.03 5.30 -1.70
C GLN H 74 21.88 5.50 -3.20
N LYS H 75 22.24 6.70 -3.66
CA LYS H 75 22.14 7.08 -5.06
C LYS H 75 23.21 8.12 -5.33
N SER H 76 23.97 7.92 -6.41
CA SER H 76 25.04 8.85 -6.74
C SER H 76 24.48 10.24 -7.04
N LEU H 77 25.29 11.25 -6.74
CA LEU H 77 24.95 12.60 -7.16
C LEU H 77 24.90 12.64 -8.68
N PRO H 78 24.02 13.46 -9.26
CA PRO H 78 24.02 13.60 -10.72
C PRO H 78 25.37 14.10 -11.20
N LYS H 79 25.79 13.63 -12.37
CA LYS H 79 27.14 13.92 -12.82
C LYS H 79 27.32 15.40 -13.13
N ALA H 80 26.25 16.08 -13.57
CA ALA H 80 26.32 17.53 -13.75
C ALA H 80 26.61 18.23 -12.43
N THR H 81 26.06 17.72 -11.32
CA THR H 81 26.31 18.34 -10.03
C THR H 81 27.71 18.01 -9.53
N VAL H 82 28.21 16.80 -9.82
CA VAL H 82 29.60 16.49 -9.51
C VAL H 82 30.53 17.37 -10.33
N GLU H 83 30.23 17.54 -11.62
CA GLU H 83 31.02 18.45 -12.46
C GLU H 83 30.99 19.87 -11.90
N SER H 84 29.80 20.35 -11.53
CA SER H 84 29.65 21.72 -11.06
C SER H 84 30.29 21.91 -9.69
N TRP H 85 30.12 20.94 -8.79
CA TRP H 85 30.72 21.06 -7.46
C TRP H 85 32.23 21.03 -7.52
N VAL H 86 32.80 20.24 -8.44
CA VAL H 86 34.25 20.15 -8.55
C VAL H 86 34.85 21.49 -8.93
N LYS H 87 34.23 22.19 -9.88
CA LYS H 87 34.77 23.49 -10.32
C LYS H 87 34.69 24.53 -9.22
N ASP H 88 33.63 24.49 -8.41
CA ASP H 88 33.49 25.47 -7.33
C ASP H 88 34.64 25.37 -6.34
N LYS H 89 34.88 24.17 -5.81
CA LYS H 89 35.84 23.97 -4.74
C LYS H 89 37.28 23.83 -5.23
N MET H 90 37.55 24.14 -6.49
CA MET H 90 38.91 24.05 -7.01
C MET H 90 39.13 25.06 -8.13
N LEU I 5 38.64 3.02 -18.28
CA LEU I 5 38.70 1.58 -18.08
C LEU I 5 38.53 1.22 -16.60
N PRO I 6 37.99 0.03 -16.34
CA PRO I 6 37.63 -0.32 -14.96
C PRO I 6 38.85 -0.49 -14.07
N ASP I 7 38.65 -0.19 -12.79
CA ASP I 7 39.69 -0.39 -11.78
C ASP I 7 39.78 -1.86 -11.43
N VAL I 8 41.01 -2.37 -11.30
CA VAL I 8 41.28 -3.74 -10.87
C VAL I 8 42.06 -3.65 -9.57
N THR I 9 41.53 -4.29 -8.53
CA THR I 9 42.16 -4.31 -7.23
C THR I 9 42.24 -5.76 -6.76
N LEU I 10 43.40 -6.15 -6.21
CA LEU I 10 43.61 -7.51 -5.74
C LEU I 10 43.71 -7.54 -4.23
N SER I 11 43.27 -8.65 -3.64
CA SER I 11 43.29 -8.83 -2.20
C SER I 11 43.43 -10.31 -1.89
N LEU I 12 44.30 -10.61 -0.91
CA LEU I 12 44.44 -11.98 -0.41
C LEU I 12 43.50 -12.27 0.73
N CYS I 13 42.29 -11.70 0.67
CA CYS I 13 41.33 -11.87 1.76
C CYS I 13 40.69 -13.24 1.73
N GLY I 14 40.59 -13.86 0.56
CA GLY I 14 39.84 -15.10 0.45
C GLY I 14 38.35 -14.85 0.66
N GLY I 15 37.63 -15.96 0.77
CA GLY I 15 36.19 -15.91 0.98
C GLY I 15 35.40 -15.98 -0.33
N GLY I 20 29.11 -16.35 -1.41
CA GLY I 20 29.95 -16.16 -2.58
C GLY I 20 30.52 -14.76 -2.69
N GLU I 21 30.52 -14.03 -1.57
CA GLU I 21 31.07 -12.68 -1.53
C GLU I 21 31.62 -12.43 -0.13
N ILE I 22 32.39 -11.34 -0.02
CA ILE I 22 33.17 -11.08 1.19
C ILE I 22 32.80 -9.73 1.78
N SER I 23 33.40 -9.40 2.91
CA SER I 23 33.24 -8.09 3.53
C SER I 23 34.31 -7.15 3.02
N LYS I 24 33.93 -5.87 2.88
CA LYS I 24 34.88 -4.88 2.39
C LYS I 24 36.01 -4.67 3.40
N GLU I 25 35.73 -4.81 4.69
CA GLU I 25 36.78 -4.72 5.70
C GLU I 25 37.83 -5.81 5.50
N LYS I 26 37.38 -7.03 5.22
CA LYS I 26 38.32 -8.12 4.96
C LYS I 26 39.10 -7.85 3.67
N PHE I 27 38.40 -7.39 2.63
CA PHE I 27 39.06 -7.09 1.37
C PHE I 27 40.08 -5.96 1.54
N MET I 28 39.68 -4.88 2.18
CA MET I 28 40.56 -3.73 2.35
C MET I 28 41.78 -4.06 3.20
N GLU I 29 41.69 -5.08 4.05
CA GLU I 29 42.78 -5.39 4.97
C GLU I 29 43.91 -6.13 4.26
N HIS I 30 43.58 -6.97 3.28
CA HIS I 30 44.55 -7.84 2.65
C HIS I 30 44.85 -7.44 1.21
N ILE I 31 44.79 -6.15 0.90
CA ILE I 31 45.03 -5.69 -0.46
C ILE I 31 46.52 -5.85 -0.80
N ILE I 32 46.79 -6.34 -2.00
CA ILE I 32 48.14 -6.70 -2.43
C ILE I 32 48.80 -5.50 -3.08
N THR I 33 49.94 -5.09 -2.52
CA THR I 33 50.72 -3.98 -3.06
C THR I 33 51.47 -4.43 -4.31
N TYR I 34 52.09 -3.46 -4.99
CA TYR I 34 53.00 -3.82 -6.08
C TYR I 34 54.22 -4.56 -5.53
N HIS I 35 54.72 -4.12 -4.37
CA HIS I 35 55.90 -4.76 -3.77
C HIS I 35 55.59 -6.20 -3.38
N GLU I 36 54.44 -6.42 -2.72
CA GLU I 36 54.07 -7.78 -2.34
C GLU I 36 53.96 -8.68 -3.56
N PHE I 37 53.35 -8.18 -4.64
CA PHE I 37 53.22 -8.98 -5.86
C PHE I 37 54.55 -9.11 -6.60
N ALA I 38 55.39 -8.06 -6.57
CA ALA I 38 56.69 -8.13 -7.23
C ALA I 38 57.66 -9.07 -6.50
N GLU I 39 57.44 -9.33 -5.21
CA GLU I 39 58.28 -10.27 -4.50
C GLU I 39 57.72 -11.69 -4.56
N ASN I 40 56.43 -11.85 -4.81
CA ASN I 40 55.78 -13.16 -4.83
C ASN I 40 54.74 -13.19 -5.93
N PRO I 41 55.17 -13.32 -7.19
CA PRO I 41 54.20 -13.42 -8.29
C PRO I 41 53.41 -14.73 -8.27
N GLY I 42 53.78 -15.70 -7.44
CA GLY I 42 52.97 -16.90 -7.28
C GLY I 42 51.65 -16.67 -6.58
N LEU I 43 51.43 -15.46 -6.03
CA LEU I 43 50.11 -15.08 -5.53
C LEU I 43 49.04 -15.36 -6.57
N ILE I 44 49.40 -15.29 -7.85
CA ILE I 44 48.47 -15.48 -8.95
C ILE I 44 47.66 -16.77 -8.79
N ASP I 45 48.28 -17.82 -8.24
CA ASP I 45 47.63 -19.11 -8.07
C ASP I 45 47.14 -19.37 -6.65
N ASN I 46 47.35 -18.42 -5.74
CA ASN I 46 46.85 -18.58 -4.38
C ASN I 46 45.33 -18.62 -4.39
N PRO I 47 44.69 -19.59 -3.73
CA PRO I 47 43.22 -19.66 -3.77
C PRO I 47 42.53 -18.50 -3.06
N ASN I 48 43.21 -17.80 -2.15
CA ASN I 48 42.62 -16.68 -1.43
C ASN I 48 42.72 -15.36 -2.19
N LEU I 49 43.03 -15.39 -3.49
CA LEU I 49 43.15 -14.17 -4.27
C LEU I 49 41.78 -13.74 -4.78
N VAL I 50 41.39 -12.51 -4.48
CA VAL I 50 40.10 -11.95 -4.87
C VAL I 50 40.37 -10.70 -5.69
N ILE I 51 39.84 -10.68 -6.90
CA ILE I 51 39.99 -9.56 -7.83
C ILE I 51 38.75 -8.69 -7.75
N ARG I 52 38.94 -7.38 -7.62
CA ARG I 52 37.83 -6.43 -7.59
C ARG I 52 37.71 -5.78 -8.97
N ILE I 53 36.65 -6.14 -9.68
CA ILE I 53 36.42 -5.65 -11.04
C ILE I 53 34.91 -5.56 -11.25
N TYR I 54 34.46 -4.47 -11.87
CA TYR I 54 33.04 -4.27 -12.19
C TYR I 54 32.15 -4.36 -10.95
N ASN I 55 32.64 -3.84 -9.81
CA ASN I 55 31.90 -3.88 -8.56
C ASN I 55 31.47 -5.30 -8.21
N ARG I 56 32.32 -6.27 -8.53
CA ARG I 56 32.06 -7.67 -8.23
C ARG I 56 33.36 -8.33 -7.82
N TYR I 57 33.25 -9.33 -6.95
CA TYR I 57 34.40 -10.11 -6.51
C TYR I 57 34.54 -11.34 -7.39
N TYR I 58 35.75 -11.61 -7.85
CA TYR I 58 36.02 -12.78 -8.68
C TYR I 58 37.32 -13.43 -8.25
N ASN I 59 37.39 -14.74 -8.42
CA ASN I 59 38.67 -15.43 -8.30
C ASN I 59 39.40 -15.34 -9.64
N TRP I 60 40.66 -15.76 -9.64
CA TRP I 60 41.47 -15.59 -10.84
C TRP I 60 40.95 -16.41 -12.00
N ALA I 61 40.28 -17.54 -11.73
CA ALA I 61 39.78 -18.38 -12.82
C ALA I 61 38.67 -17.68 -13.60
N LEU I 62 37.87 -16.85 -12.94
CA LEU I 62 36.82 -16.12 -13.64
C LEU I 62 37.29 -14.76 -14.14
N ALA I 63 38.22 -14.11 -13.44
CA ALA I 63 38.67 -12.77 -13.79
C ALA I 63 39.77 -12.76 -14.84
N ALA I 64 40.40 -13.91 -15.13
CA ALA I 64 41.52 -13.92 -16.06
C ALA I 64 41.19 -13.36 -17.43
N PRO I 65 40.14 -13.81 -18.14
CA PRO I 65 39.89 -13.25 -19.48
C PRO I 65 39.50 -11.78 -19.46
N MET I 66 38.91 -11.30 -18.36
CA MET I 66 38.53 -9.89 -18.28
C MET I 66 39.76 -9.00 -18.19
N ILE I 67 40.75 -9.40 -17.39
CA ILE I 67 41.98 -8.63 -17.28
C ILE I 67 42.76 -8.71 -18.59
N LEU I 68 42.81 -9.89 -19.21
CA LEU I 68 43.57 -10.04 -20.44
C LEU I 68 42.99 -9.18 -21.55
N SER I 69 41.66 -9.15 -21.67
CA SER I 69 41.04 -8.34 -22.73
C SER I 69 41.33 -6.85 -22.51
N LEU I 70 41.32 -6.41 -21.26
CA LEU I 70 41.71 -5.05 -20.95
C LEU I 70 43.20 -4.84 -21.24
N GLN I 71 44.05 -5.75 -20.76
CA GLN I 71 45.49 -5.57 -20.98
C GLN I 71 45.84 -5.79 -22.44
N VAL I 72 45.36 -6.90 -23.02
CA VAL I 72 45.52 -7.04 -24.46
C VAL I 72 44.75 -5.90 -25.11
N PHE I 73 43.43 -6.06 -25.30
CA PHE I 73 42.74 -5.20 -26.26
C PHE I 73 42.38 -3.78 -25.78
N GLN I 74 42.75 -3.39 -24.57
CA GLN I 74 42.40 -2.05 -24.04
C GLN I 74 40.89 -1.80 -24.10
N LYS I 75 40.10 -2.86 -23.94
CA LYS I 75 38.65 -2.77 -24.06
C LYS I 75 38.05 -3.92 -23.26
N SER I 76 36.99 -3.62 -22.52
CA SER I 76 36.34 -4.63 -21.71
C SER I 76 35.68 -5.68 -22.60
N LEU I 77 35.60 -6.91 -22.08
CA LEU I 77 34.75 -7.90 -22.69
C LEU I 77 33.30 -7.42 -22.68
N PRO I 78 32.51 -7.79 -23.69
CA PRO I 78 31.08 -7.45 -23.67
C PRO I 78 30.42 -8.00 -22.41
N LYS I 79 29.42 -7.25 -21.91
CA LYS I 79 28.72 -7.69 -20.71
C LYS I 79 28.01 -9.01 -20.95
N ALA I 80 27.53 -9.24 -22.17
CA ALA I 80 27.02 -10.56 -22.53
C ALA I 80 28.10 -11.63 -22.37
N THR I 81 29.33 -11.30 -22.79
CA THR I 81 30.44 -12.24 -22.67
C THR I 81 30.76 -12.54 -21.22
N VAL I 82 30.81 -11.50 -20.38
CA VAL I 82 31.12 -11.68 -18.97
C VAL I 82 30.05 -12.51 -18.28
N GLU I 83 28.77 -12.22 -18.57
CA GLU I 83 27.68 -12.95 -17.94
C GLU I 83 27.69 -14.42 -18.36
N SER I 84 27.86 -14.69 -19.66
CA SER I 84 27.95 -16.07 -20.11
C SER I 84 29.18 -16.76 -19.56
N TRP I 85 30.29 -16.03 -19.44
CA TRP I 85 31.52 -16.61 -18.91
C TRP I 85 31.36 -17.00 -17.45
N VAL I 86 30.76 -16.11 -16.64
CA VAL I 86 30.59 -16.40 -15.22
C VAL I 86 29.64 -17.57 -15.01
N LYS I 87 28.59 -17.65 -15.82
CA LYS I 87 27.59 -18.71 -15.68
C LYS I 87 28.16 -20.08 -16.02
N ASP I 88 28.95 -20.18 -17.09
CA ASP I 88 29.50 -21.46 -17.51
C ASP I 88 30.62 -21.93 -16.59
N LEU J 5 -38.30 7.50 15.72
CA LEU J 5 -38.61 6.14 16.13
C LEU J 5 -38.51 5.16 14.95
N PRO J 6 -38.11 3.93 15.22
CA PRO J 6 -37.86 2.97 14.15
C PRO J 6 -39.14 2.59 13.41
N ASP J 7 -38.97 2.28 12.13
CA ASP J 7 -40.06 1.76 11.31
C ASP J 7 -40.30 0.28 11.64
N VAL J 8 -41.58 -0.10 11.65
CA VAL J 8 -41.97 -1.48 11.91
C VAL J 8 -42.80 -1.93 10.71
N THR J 9 -42.39 -3.04 10.10
CA THR J 9 -43.04 -3.56 8.91
C THR J 9 -43.40 -5.02 9.14
N LEU J 10 -44.53 -5.44 8.59
CA LEU J 10 -45.03 -6.80 8.74
C LEU J 10 -45.03 -7.50 7.38
N SER J 11 -44.82 -8.82 7.43
CA SER J 11 -44.87 -9.62 6.21
C SER J 11 -44.98 -11.09 6.61
N LEU J 12 -45.68 -11.86 5.76
CA LEU J 12 -45.91 -13.28 6.01
C LEU J 12 -45.05 -14.14 5.09
N CYS J 13 -43.73 -14.02 5.25
CA CYS J 13 -42.79 -14.71 4.37
C CYS J 13 -42.07 -15.89 5.01
N GLY J 14 -41.80 -15.83 6.31
CA GLY J 14 -41.14 -16.94 6.98
C GLY J 14 -39.69 -17.14 6.55
N ILE J 22 -34.09 -15.16 5.03
CA ILE J 22 -35.19 -14.52 4.32
C ILE J 22 -34.67 -13.41 3.41
N SER J 23 -35.09 -13.45 2.15
CA SER J 23 -34.64 -12.48 1.16
C SER J 23 -35.54 -11.25 1.14
N LYS J 24 -34.97 -10.13 0.68
CA LYS J 24 -35.74 -8.90 0.53
C LYS J 24 -36.89 -9.09 -0.44
N GLU J 25 -36.71 -9.93 -1.45
CA GLU J 25 -37.73 -10.10 -2.48
C GLU J 25 -39.02 -10.68 -1.90
N LYS J 26 -38.91 -11.79 -1.18
CA LYS J 26 -40.10 -12.44 -0.64
C LYS J 26 -40.67 -11.69 0.55
N PHE J 27 -39.83 -10.93 1.27
CA PHE J 27 -40.36 -10.08 2.32
C PHE J 27 -41.29 -9.02 1.76
N MET J 28 -40.89 -8.38 0.65
CA MET J 28 -41.74 -7.36 0.03
C MET J 28 -42.97 -7.97 -0.62
N GLU J 29 -42.89 -9.22 -1.07
CA GLU J 29 -44.01 -9.82 -1.78
C GLU J 29 -45.18 -10.14 -0.86
N HIS J 30 -44.91 -10.40 0.43
CA HIS J 30 -45.93 -10.82 1.37
C HIS J 30 -46.14 -9.81 2.49
N ILE J 31 -45.96 -8.53 2.19
CA ILE J 31 -46.12 -7.49 3.21
C ILE J 31 -47.60 -7.33 3.55
N ILE J 32 -47.88 -7.11 4.83
CA ILE J 32 -49.26 -7.06 5.34
C ILE J 32 -49.69 -5.61 5.44
N THR J 33 -50.75 -5.25 4.72
CA THR J 33 -51.28 -3.90 4.80
C THR J 33 -52.20 -3.76 6.00
N TYR J 34 -52.64 -2.53 6.23
CA TYR J 34 -53.58 -2.30 7.33
C TYR J 34 -54.90 -3.01 7.08
N HIS J 35 -55.39 -2.97 5.83
CA HIS J 35 -56.68 -3.56 5.52
C HIS J 35 -56.66 -5.07 5.71
N GLU J 36 -55.57 -5.72 5.31
CA GLU J 36 -55.46 -7.16 5.53
C GLU J 36 -55.40 -7.50 7.02
N PHE J 37 -54.75 -6.63 7.82
CA PHE J 37 -54.61 -6.90 9.23
C PHE J 37 -55.91 -6.64 9.99
N ALA J 38 -56.64 -5.59 9.59
CA ALA J 38 -57.95 -5.32 10.17
C ALA J 38 -58.92 -6.47 9.89
N GLU J 39 -58.93 -6.96 8.65
CA GLU J 39 -59.83 -8.05 8.27
C GLU J 39 -59.43 -9.37 8.91
N ASN J 40 -58.19 -9.52 9.35
CA ASN J 40 -57.72 -10.76 9.95
C ASN J 40 -56.60 -10.45 10.94
N PRO J 41 -56.96 -10.09 12.17
CA PRO J 41 -55.92 -9.91 13.20
C PRO J 41 -55.35 -11.21 13.71
N GLY J 42 -55.92 -12.35 13.33
CA GLY J 42 -55.44 -13.64 13.78
C GLY J 42 -54.09 -14.04 13.24
N LEU J 43 -53.60 -13.36 12.20
CA LEU J 43 -52.27 -13.70 11.71
C LEU J 43 -51.15 -13.16 12.60
N ILE J 44 -51.48 -12.56 13.74
CA ILE J 44 -50.46 -12.28 14.73
C ILE J 44 -49.96 -13.59 15.34
N ASP J 45 -50.81 -14.63 15.35
CA ASP J 45 -50.43 -15.96 15.75
C ASP J 45 -49.94 -16.81 14.58
N ASN J 46 -49.82 -16.23 13.39
CA ASN J 46 -49.30 -16.97 12.25
C ASN J 46 -47.80 -17.19 12.43
N PRO J 47 -47.32 -18.42 12.34
CA PRO J 47 -45.87 -18.67 12.54
C PRO J 47 -45.00 -18.06 11.45
N ASN J 48 -45.56 -17.63 10.33
CA ASN J 48 -44.82 -16.96 9.27
C ASN J 48 -44.85 -15.44 9.42
N LEU J 49 -45.27 -14.92 10.57
CA LEU J 49 -45.34 -13.49 10.79
C LEU J 49 -43.94 -12.96 11.10
N VAL J 50 -43.46 -12.04 10.25
CA VAL J 50 -42.10 -11.51 10.35
C VAL J 50 -42.20 -9.99 10.57
N ILE J 51 -41.49 -9.49 11.57
CA ILE J 51 -41.41 -8.07 11.86
C ILE J 51 -40.05 -7.56 11.41
N ARG J 52 -40.06 -6.51 10.59
CA ARG J 52 -38.84 -5.84 10.19
C ARG J 52 -38.65 -4.62 11.09
N ILE J 53 -37.67 -4.70 11.98
CA ILE J 53 -37.35 -3.61 12.90
C ILE J 53 -35.87 -3.72 13.23
N TYR J 54 -35.23 -2.56 13.38
CA TYR J 54 -33.79 -2.49 13.66
C TYR J 54 -32.98 -3.21 12.60
N ASN J 55 -33.47 -3.17 11.37
CA ASN J 55 -32.80 -3.70 10.18
C ASN J 55 -32.58 -5.21 10.26
N ARG J 56 -33.37 -5.93 11.04
CA ARG J 56 -33.30 -7.39 11.08
C ARG J 56 -34.71 -7.97 11.12
N TYR J 57 -34.83 -9.23 10.69
CA TYR J 57 -36.10 -9.93 10.66
C TYR J 57 -36.29 -10.69 11.97
N TYR J 58 -37.40 -10.42 12.66
CA TYR J 58 -37.76 -11.10 13.89
C TYR J 58 -39.13 -11.77 13.73
N ASN J 59 -39.34 -12.83 14.51
CA ASN J 59 -40.69 -13.37 14.66
C ASN J 59 -41.43 -12.58 15.74
N TRP J 60 -42.70 -12.90 15.93
CA TRP J 60 -43.50 -12.11 16.87
C TRP J 60 -43.08 -12.34 18.32
N ALA J 61 -42.67 -13.55 18.68
CA ALA J 61 -42.28 -13.82 20.06
C ALA J 61 -41.07 -12.98 20.46
N LEU J 62 -40.17 -12.72 19.52
CA LEU J 62 -39.00 -11.92 19.83
C LEU J 62 -39.27 -10.43 19.70
N ALA J 63 -40.08 -10.02 18.73
CA ALA J 63 -40.29 -8.60 18.49
C ALA J 63 -41.30 -7.99 19.45
N ALA J 64 -42.23 -8.79 19.99
CA ALA J 64 -43.34 -8.27 20.80
C ALA J 64 -42.90 -7.27 21.88
N PRO J 65 -41.89 -7.54 22.71
CA PRO J 65 -41.48 -6.52 23.68
C PRO J 65 -40.86 -5.28 23.05
N MET J 66 -40.24 -5.41 21.88
CA MET J 66 -39.68 -4.24 21.21
C MET J 66 -40.78 -3.30 20.74
N ILE J 67 -41.91 -3.86 20.32
CA ILE J 67 -43.02 -3.04 19.81
C ILE J 67 -43.78 -2.40 20.96
N LEU J 68 -44.00 -3.14 22.04
CA LEU J 68 -44.80 -2.61 23.14
C LEU J 68 -44.15 -1.38 23.77
N SER J 69 -42.83 -1.42 23.97
CA SER J 69 -42.15 -0.26 24.57
C SER J 69 -42.25 0.96 23.67
N LEU J 70 -42.23 0.75 22.35
CA LEU J 70 -42.39 1.87 21.41
C LEU J 70 -43.80 2.46 21.48
N GLN J 71 -44.79 1.64 21.80
CA GLN J 71 -46.16 2.13 21.90
C GLN J 71 -46.45 2.74 23.27
N VAL J 72 -46.00 2.08 24.35
CA VAL J 72 -46.32 2.53 25.70
C VAL J 72 -45.46 3.71 26.10
N PHE J 73 -44.14 3.60 25.91
CA PHE J 73 -43.21 4.62 26.35
C PHE J 73 -42.69 5.50 25.22
N GLN J 74 -43.00 5.17 23.96
CA GLN J 74 -42.55 5.94 22.80
C GLN J 74 -41.03 6.08 22.80
N LYS J 75 -40.34 4.99 23.16
CA LYS J 75 -38.90 4.99 23.29
C LYS J 75 -38.41 3.58 23.03
N SER J 76 -37.36 3.45 22.23
CA SER J 76 -36.83 2.14 21.93
C SER J 76 -36.26 1.50 23.19
N LEU J 77 -36.36 0.18 23.27
CA LEU J 77 -35.61 -0.54 24.29
C LEU J 77 -34.12 -0.23 24.16
N PRO J 78 -33.37 -0.23 25.26
CA PRO J 78 -31.92 -0.03 25.16
C PRO J 78 -31.26 -1.09 24.29
N LYS J 79 -30.20 -0.69 23.59
CA LYS J 79 -29.49 -1.62 22.71
C LYS J 79 -28.96 -2.82 23.49
N ALA J 80 -28.49 -2.58 24.72
CA ALA J 80 -27.98 -3.69 25.53
C ALA J 80 -29.07 -4.68 25.90
N THR J 81 -30.32 -4.21 26.01
CA THR J 81 -31.39 -5.10 26.45
C THR J 81 -31.97 -5.91 25.29
N VAL J 82 -32.11 -5.30 24.12
CA VAL J 82 -32.56 -6.04 22.95
C VAL J 82 -31.64 -7.21 22.68
N GLU J 83 -30.32 -6.95 22.67
CA GLU J 83 -29.35 -8.01 22.43
C GLU J 83 -29.42 -9.09 23.50
N SER J 84 -29.60 -8.69 24.76
CA SER J 84 -29.76 -9.68 25.83
C SER J 84 -31.06 -10.47 25.66
N TRP J 85 -32.12 -9.81 25.19
CA TRP J 85 -33.41 -10.47 25.03
C TRP J 85 -33.40 -11.43 23.85
N VAL J 86 -32.66 -11.12 22.78
CA VAL J 86 -32.67 -11.96 21.59
C VAL J 86 -32.01 -13.31 21.90
N LYS J 87 -30.87 -13.29 22.58
CA LYS J 87 -30.14 -14.51 22.92
C LYS J 87 -31.00 -15.49 23.72
CA CA K . -4.93 5.99 -8.01
CA CA L . 1.46 -28.44 -24.62
CA CA M . 5.50 15.92 2.78
CA CA N . -2.69 -7.51 33.55
CA CA O . -11.93 11.45 -9.58
CA CA P . -48.04 -3.08 -5.25
CA CA Q . 13.34 19.69 3.09
CA CA R . 47.86 1.22 5.17
CA CA S . 49.31 -5.96 1.87
CA CA T . -49.71 -9.61 2.22
#